data_9J88
#
_entry.id   9J88
#
_cell.length_a   60.547
_cell.length_b   71.626
_cell.length_c   143.699
_cell.angle_alpha   90.000
_cell.angle_beta   90.000
_cell.angle_gamma   90.000
#
_symmetry.space_group_name_H-M   'P 21 21 21'
#
loop_
_entity.id
_entity.type
_entity.pdbx_description
1 polymer 'Serine proteinase inhibitor'
2 water water
#
_entity_poly.entity_id   1
_entity_poly.type   'polypeptide(L)'
_entity_poly.pdbx_seq_one_letter_code
;METEIAKPLADFAYSLYQLEEAGNVFFSPVSIFLALAMVFFGSNGNTNTQLLNVMFKAGWKKNRTKKAMRSFVSSLTIDE
YYDASLKLANRLYANDQYPILHPFLKDVKRYLSSDLVSVNFADTEAARLQINKWVSDQTNHKINDLLQSGTVEANTRLIA
VNAIYFKASWDEVFDEAHTKPKKFYPTPHSSIKIPMMTQTNGYSYYETEDYQFLGMDYYPEYLKMFILLPKSGKTLSELQ
QKFNGETLLNLVSKVSGAEVKVTIPKMKFEKQMNLVEALKKLGIEDLFIPGKADLSGICVKEKLYVSDIVHKAYLEFNEE
GTEAAAATAVRIVPMSGVMYEDSFEFVADHPFLFFIFDSRSKAILFIGRFSGN
;
_entity_poly.pdbx_strand_id   B,A
#
# COMPACT_ATOMS: atom_id res chain seq x y z
N GLU A 2 -13.35 11.54 -26.37
CA GLU A 2 -13.36 12.56 -25.33
C GLU A 2 -14.43 12.27 -24.28
N THR A 3 -15.65 12.75 -24.53
CA THR A 3 -16.76 12.55 -23.59
C THR A 3 -17.17 11.08 -23.47
N GLU A 4 -16.86 10.24 -24.46
CA GLU A 4 -17.20 8.83 -24.35
C GLU A 4 -16.40 8.15 -23.25
N ILE A 5 -15.19 8.61 -22.99
CA ILE A 5 -14.36 8.07 -21.91
C ILE A 5 -14.84 8.57 -20.55
N ALA A 6 -15.39 9.78 -20.49
CA ALA A 6 -15.59 10.47 -19.21
C ALA A 6 -16.41 9.62 -18.25
N LYS A 7 -17.52 9.06 -18.72
CA LYS A 7 -18.43 8.37 -17.81
C LYS A 7 -17.84 7.10 -17.21
N PRO A 8 -17.22 6.17 -17.96
CA PRO A 8 -16.56 5.04 -17.26
C PRO A 8 -15.32 5.46 -16.47
N LEU A 9 -14.66 6.55 -16.89
CA LEU A 9 -13.53 7.05 -16.13
C LEU A 9 -13.97 7.57 -14.76
N ALA A 10 -15.09 8.30 -14.71
CA ALA A 10 -15.59 8.77 -13.43
C ALA A 10 -16.13 7.62 -12.57
N ASP A 11 -16.69 6.58 -13.21
CA ASP A 11 -17.15 5.42 -12.44
C ASP A 11 -15.97 4.64 -11.89
N PHE A 12 -14.86 4.61 -12.60
CA PHE A 12 -13.67 3.95 -12.07
C PHE A 12 -13.04 4.78 -10.97
N ALA A 13 -13.06 6.10 -11.13
CA ALA A 13 -12.46 6.99 -10.16
C ALA A 13 -13.07 6.78 -8.79
N TYR A 14 -14.40 6.86 -8.72
CA TYR A 14 -15.08 6.73 -7.44
C TYR A 14 -14.91 5.34 -6.85
N SER A 15 -14.97 4.29 -7.70
CA SER A 15 -14.86 2.91 -7.21
C SER A 15 -13.56 2.69 -6.44
N LEU A 16 -12.47 3.25 -6.94
CA LEU A 16 -11.18 3.18 -6.25
C LEU A 16 -11.18 4.08 -5.01
N TYR A 17 -11.86 5.22 -5.09
CA TYR A 17 -11.88 6.15 -3.97
C TYR A 17 -12.58 5.52 -2.75
N GLN A 18 -13.56 4.65 -2.98
CA GLN A 18 -14.25 4.01 -1.88
C GLN A 18 -13.46 2.89 -1.23
N LEU A 19 -12.56 2.25 -2.00
CA LEU A 19 -11.67 1.26 -1.38
C LEU A 19 -10.71 1.92 -0.39
N GLU A 20 -10.40 3.20 -0.58
CA GLU A 20 -9.48 3.94 0.31
C GLU A 20 -10.07 4.21 1.71
N ALA A 22 -8.51 5.66 4.34
CA ALA A 22 -7.46 6.52 4.87
C ALA A 22 -7.95 7.95 4.84
N GLY A 23 -7.68 8.65 5.95
CA GLY A 23 -8.22 9.98 6.22
C GLY A 23 -8.19 10.87 5.02
N ASN A 24 -7.01 11.16 4.50
CA ASN A 24 -6.86 11.99 3.33
C ASN A 24 -6.47 11.08 2.18
N VAL A 25 -7.02 11.36 1.00
CA VAL A 25 -6.83 10.56 -0.20
C VAL A 25 -6.50 11.53 -1.33
N PHE A 26 -5.59 11.13 -2.22
CA PHE A 26 -5.35 11.92 -3.43
C PHE A 26 -4.66 11.08 -4.50
N PHE A 27 -5.28 10.95 -5.68
CA PHE A 27 -4.65 10.19 -6.76
C PHE A 27 -5.24 10.68 -8.08
N SER A 28 -4.65 10.19 -9.18
CA SER A 28 -5.19 10.57 -10.47
C SER A 28 -5.93 9.40 -11.10
N PRO A 29 -7.26 9.45 -11.20
CA PRO A 29 -7.98 8.43 -11.99
C PRO A 29 -7.50 8.34 -13.43
N VAL A 30 -7.23 9.49 -14.06
CA VAL A 30 -6.79 9.47 -15.45
C VAL A 30 -5.45 8.75 -15.59
N SER A 31 -4.54 8.98 -14.64
CA SER A 31 -3.23 8.37 -14.74
C SER A 31 -3.33 6.85 -14.63
N ILE A 32 -4.10 6.38 -13.66
CA ILE A 32 -4.27 4.94 -13.49
C ILE A 32 -5.06 4.37 -14.67
N PHE A 33 -6.09 5.08 -15.12
CA PHE A 33 -6.92 4.57 -16.21
C PHE A 33 -6.11 4.38 -17.49
N LEU A 34 -5.16 5.27 -17.78
CA LEU A 34 -4.36 5.06 -18.98
C LEU A 34 -3.35 3.96 -18.76
N ALA A 35 -2.89 3.78 -17.53
CA ALA A 35 -2.02 2.64 -17.25
C ALA A 35 -2.77 1.34 -17.53
N LEU A 36 -4.01 1.22 -17.05
CA LEU A 36 -4.83 0.07 -17.37
C LEU A 36 -5.02 -0.07 -18.87
N ALA A 37 -5.23 1.06 -19.55
CA ALA A 37 -5.39 1.07 -20.99
C ALA A 37 -4.22 0.38 -21.69
N MET A 38 -3.00 0.63 -21.22
CA MET A 38 -1.81 0.04 -21.82
C MET A 38 -1.83 -1.47 -21.74
N VAL A 39 -2.15 -2.03 -20.57
CA VAL A 39 -2.11 -3.50 -20.47
C VAL A 39 -3.33 -4.11 -21.11
N PHE A 40 -4.46 -3.41 -21.08
CA PHE A 40 -5.63 -3.83 -21.84
C PHE A 40 -5.26 -4.06 -23.31
N PHE A 41 -4.70 -3.02 -23.95
CA PHE A 41 -4.16 -3.15 -25.31
C PHE A 41 -3.30 -4.41 -25.45
N GLY A 42 -2.49 -4.73 -24.45
CA GLY A 42 -1.57 -5.84 -24.58
C GLY A 42 -2.07 -7.18 -24.07
N SER A 43 -3.33 -7.30 -23.67
CA SER A 43 -3.83 -8.45 -22.95
C SER A 43 -4.88 -9.20 -23.77
N ASN A 44 -5.07 -10.48 -23.42
CA ASN A 44 -6.05 -11.33 -24.06
C ASN A 44 -6.74 -12.18 -23.00
N GLY A 45 -7.80 -12.88 -23.41
CA GLY A 45 -8.41 -13.88 -22.54
C GLY A 45 -8.95 -13.27 -21.26
N ASN A 46 -8.77 -14.00 -20.16
CA ASN A 46 -9.38 -13.59 -18.89
C ASN A 46 -8.73 -12.34 -18.36
N THR A 47 -7.41 -12.19 -18.54
CA THR A 47 -6.78 -10.93 -18.17
C THR A 47 -7.48 -9.75 -18.81
N ASN A 48 -7.80 -9.87 -20.10
CA ASN A 48 -8.40 -8.78 -20.84
C ASN A 48 -9.86 -8.57 -20.45
N THR A 49 -10.56 -9.65 -20.12
CA THR A 49 -11.97 -9.51 -19.72
C THR A 49 -12.10 -8.77 -18.39
N GLN A 50 -11.29 -9.16 -17.39
CA GLN A 50 -11.36 -8.46 -16.11
C GLN A 50 -10.98 -7.01 -16.27
N LEU A 51 -10.00 -6.72 -17.14
CA LEU A 51 -9.69 -5.31 -17.43
C LEU A 51 -10.87 -4.62 -18.08
N LEU A 52 -11.43 -5.21 -19.14
CA LEU A 52 -12.54 -4.58 -19.84
C LEU A 52 -13.73 -4.35 -18.91
N ASN A 53 -14.01 -5.32 -18.04
CA ASN A 53 -15.16 -5.16 -17.15
C ASN A 53 -14.89 -4.13 -16.08
N MET A 55 -13.62 -3.83 -15.81
CA MET A 55 -13.29 -2.86 -14.79
C MET A 55 -13.49 -1.45 -15.31
N PHE A 56 -12.80 -1.07 -16.38
CA PHE A 56 -12.90 0.31 -16.79
C PHE A 56 -13.69 0.53 -18.09
N LYS A 57 -14.38 -0.50 -18.57
CA LYS A 57 -15.29 -0.38 -19.72
C LYS A 57 -14.74 0.42 -20.91
N ARG A 70 -9.53 -1.40 -28.89
CA ARG A 70 -10.62 -0.52 -29.31
C ARG A 70 -10.70 0.80 -28.54
N SER A 71 -10.06 1.86 -29.06
CA SER A 71 -10.12 3.17 -28.44
C SER A 71 -9.53 4.28 -29.31
N PHE A 72 -10.19 5.44 -29.49
CA PHE A 72 -11.23 6.18 -28.71
C PHE A 72 -10.55 6.92 -27.53
N VAL A 73 -9.66 6.27 -26.79
CA VAL A 73 -8.88 6.99 -25.80
C VAL A 73 -7.87 7.88 -26.49
N SER A 74 -7.45 7.52 -27.70
CA SER A 74 -6.63 8.42 -28.49
C SER A 74 -7.34 9.76 -28.68
N SER A 75 -8.68 9.75 -28.67
CA SER A 75 -9.42 11.00 -28.59
C SER A 75 -9.26 11.67 -27.23
N LEU A 76 -9.19 10.90 -26.15
CA LEU A 76 -9.00 11.54 -24.85
C LEU A 76 -7.61 12.13 -24.74
N THR A 77 -6.59 11.37 -25.12
CA THR A 77 -5.21 11.79 -24.90
C THR A 77 -4.88 13.08 -25.64
N ILE A 78 -5.36 13.23 -26.88
CA ILE A 78 -5.10 14.43 -27.67
C ILE A 78 -5.68 15.66 -26.98
N ASP A 79 -6.74 15.49 -26.21
CA ASP A 79 -7.35 16.63 -25.54
C ASP A 79 -6.37 17.32 -24.59
N GLU A 80 -5.57 16.53 -23.88
CA GLU A 80 -5.16 16.93 -22.54
C GLU A 80 -4.06 17.98 -22.47
N TYR A 81 -3.20 18.13 -23.47
CA TYR A 81 -2.03 18.95 -23.19
C TYR A 81 -2.34 20.44 -23.40
N TYR A 82 -1.30 21.26 -23.28
CA TYR A 82 -1.37 22.73 -23.08
C TYR A 82 -2.62 23.15 -22.32
N ALA A 84 1.76 27.13 -17.45
CA ALA A 84 1.05 26.02 -16.81
C ALA A 84 1.18 24.75 -17.64
N SER A 85 1.10 23.57 -17.02
CA SER A 85 1.36 22.35 -17.77
C SER A 85 0.70 21.13 -17.14
N LEU A 86 0.41 20.14 -18.01
CA LEU A 86 -0.17 18.85 -17.62
C LEU A 86 0.56 17.77 -18.42
N LYS A 87 1.41 17.00 -17.75
CA LYS A 87 2.30 16.06 -18.42
C LYS A 87 2.08 14.65 -17.89
N LEU A 88 1.84 13.71 -18.81
CA LEU A 88 1.59 12.34 -18.42
C LEU A 88 2.89 11.56 -18.44
N ALA A 89 3.08 10.74 -17.44
CA ALA A 89 4.22 9.84 -17.37
C ALA A 89 3.60 8.47 -17.16
N ASN A 90 3.20 7.85 -18.25
CA ASN A 90 2.61 6.53 -18.24
C ASN A 90 3.55 5.60 -18.98
N ARG A 91 4.02 4.55 -18.31
CA ARG A 91 5.10 3.75 -18.88
C ARG A 91 5.18 2.35 -18.26
N LEU A 92 5.38 1.35 -19.11
CA LEU A 92 5.71 -0.01 -18.67
C LEU A 92 7.19 -0.24 -18.77
N TYR A 93 7.77 -0.90 -17.77
CA TYR A 93 9.17 -1.27 -17.81
C TYR A 93 9.25 -2.78 -17.90
N ALA A 94 9.86 -3.27 -18.97
CA ALA A 94 9.89 -4.70 -19.28
C ALA A 94 11.32 -5.19 -19.14
N ASN A 95 11.48 -6.34 -18.48
CA ASN A 95 12.78 -6.97 -18.33
C ASN A 95 13.48 -7.13 -19.68
N ASP A 96 14.80 -7.04 -19.61
CA ASP A 96 15.65 -7.08 -20.80
C ASP A 96 15.42 -8.32 -21.63
N GLN A 97 15.22 -9.48 -20.99
CA GLN A 97 15.28 -10.76 -21.66
C GLN A 97 14.16 -10.93 -22.68
N TYR A 98 13.18 -10.04 -22.73
CA TYR A 98 11.95 -10.39 -23.40
C TYR A 98 11.79 -9.61 -24.69
N PRO A 99 11.65 -10.31 -25.82
CA PRO A 99 11.31 -9.62 -27.06
C PRO A 99 9.88 -9.13 -26.95
N ILE A 100 9.62 -7.92 -27.43
CA ILE A 100 8.30 -7.32 -27.27
C ILE A 100 7.70 -7.07 -28.64
N LEU A 101 6.46 -7.50 -28.81
CA LEU A 101 5.73 -7.34 -30.06
C LEU A 101 5.69 -5.87 -30.48
N HIS A 102 5.96 -5.62 -31.77
CA HIS A 102 6.05 -4.27 -32.32
C HIS A 102 4.68 -3.58 -32.44
N PRO A 103 3.60 -4.28 -32.85
CA PRO A 103 2.30 -3.59 -32.89
C PRO A 103 1.87 -3.00 -31.54
N PHE A 104 2.20 -3.65 -30.44
CA PHE A 104 1.79 -3.11 -29.15
C PHE A 104 2.53 -1.81 -28.85
N LEU A 105 3.83 -1.78 -29.14
CA LEU A 105 4.61 -0.57 -28.92
C LEU A 105 4.11 0.59 -29.77
N LYS A 106 3.61 0.31 -30.97
CA LYS A 106 3.10 1.36 -31.85
C LYS A 106 1.74 1.88 -31.38
N ASP A 107 0.81 0.96 -31.06
CA ASP A 107 -0.51 1.35 -30.56
C ASP A 107 -0.42 2.13 -29.26
N VAL A 108 0.42 1.68 -28.34
CA VAL A 108 0.52 2.32 -27.04
C VAL A 108 1.00 3.76 -27.17
N LYS A 109 1.90 4.02 -28.14
CA LYS A 109 2.30 5.38 -28.44
C LYS A 109 1.21 6.11 -29.22
N ARG A 110 0.72 5.50 -30.30
CA ARG A 110 -0.26 6.17 -31.15
C ARG A 110 -1.51 6.58 -30.37
N TYR A 111 -2.06 5.70 -29.55
CA TYR A 111 -3.38 5.96 -28.96
C TYR A 111 -3.34 6.43 -27.52
N LEU A 112 -2.19 6.32 -26.85
CA LEU A 112 -2.08 6.61 -25.43
C LEU A 112 -0.91 7.50 -25.08
N SER A 113 -0.13 7.95 -26.06
CA SER A 113 1.05 8.76 -25.80
C SER A 113 1.84 8.16 -24.65
N SER A 114 1.93 6.84 -24.61
CA SER A 114 2.67 6.14 -23.58
C SER A 114 3.59 5.16 -24.27
N ASP A 115 4.41 4.46 -23.50
CA ASP A 115 5.33 3.53 -24.13
C ASP A 115 5.77 2.47 -23.13
N LEU A 116 6.36 1.41 -23.68
CA LEU A 116 7.04 0.37 -22.92
C LEU A 116 8.52 0.45 -23.23
N VAL A 117 9.34 0.38 -22.19
CA VAL A 117 10.78 0.49 -22.32
C VAL A 117 11.42 -0.81 -21.83
N SER A 118 12.30 -1.38 -22.65
CA SER A 118 13.03 -2.57 -22.24
C SER A 118 14.23 -2.12 -21.45
N VAL A 119 14.42 -2.69 -20.26
CA VAL A 119 15.41 -2.16 -19.35
C VAL A 119 16.17 -3.31 -18.69
N ASN A 120 17.40 -3.01 -18.28
CA ASN A 120 18.30 -3.95 -17.64
C ASN A 120 17.98 -4.03 -16.16
N PHE A 121 17.29 -5.09 -15.75
CA PHE A 121 16.91 -5.23 -14.35
C PHE A 121 18.05 -5.77 -13.49
N ALA A 122 19.06 -6.38 -14.10
CA ALA A 122 20.30 -6.63 -13.39
C ALA A 122 20.80 -5.32 -12.78
N ASP A 123 21.25 -5.40 -11.53
CA ASP A 123 21.44 -4.21 -10.70
C ASP A 123 20.06 -3.61 -10.41
N THR A 124 19.30 -4.29 -9.54
CA THR A 124 17.95 -3.85 -9.24
C THR A 124 17.90 -2.42 -8.76
N GLU A 125 18.82 -2.03 -7.87
CA GLU A 125 18.77 -0.66 -7.34
C GLU A 125 18.99 0.37 -8.44
N ALA A 126 19.89 0.10 -9.38
CA ALA A 126 20.18 1.09 -10.41
C ALA A 126 19.01 1.27 -11.37
N ALA A 127 18.38 0.17 -11.79
CA ALA A 127 17.17 0.27 -12.58
C ALA A 127 16.10 1.09 -11.84
N ARG A 128 15.88 0.79 -10.56
CA ARG A 128 14.90 1.52 -9.77
C ARG A 128 15.24 3.01 -9.75
N LEU A 129 16.52 3.34 -9.60
CA LEU A 129 16.91 4.74 -9.59
C LEU A 129 16.72 5.39 -10.95
N GLN A 130 17.05 4.69 -12.04
CA GLN A 130 16.83 5.25 -13.37
C GLN A 130 15.35 5.54 -13.60
N ILE A 131 14.48 4.62 -13.18
CA ILE A 131 13.04 4.83 -13.39
C ILE A 131 12.56 6.05 -12.60
N ASN A 132 12.92 6.12 -11.32
CA ASN A 132 12.45 7.24 -10.50
C ASN A 132 12.93 8.57 -11.06
N LYS A 133 14.11 8.61 -11.64
CA LYS A 133 14.60 9.81 -12.30
C LYS A 133 13.84 10.11 -13.59
N TRP A 134 13.48 9.09 -14.37
CA TRP A 134 12.62 9.36 -15.52
C TRP A 134 11.33 10.04 -15.08
N VAL A 135 10.66 9.47 -14.07
CA VAL A 135 9.44 10.03 -13.54
C VAL A 135 9.65 11.45 -13.05
N SER A 136 10.80 11.72 -12.39
CA SER A 136 11.08 13.08 -11.93
C SER A 136 11.07 14.06 -13.09
N ASP A 137 11.66 13.69 -14.24
CA ASP A 137 11.76 14.58 -15.39
C ASP A 137 10.39 15.10 -15.84
N GLN A 138 9.46 14.19 -16.15
CA GLN A 138 8.15 14.55 -16.69
C GLN A 138 7.27 15.26 -15.66
N THR A 139 7.65 15.23 -14.39
CA THR A 139 6.85 15.83 -13.32
C THR A 139 7.54 17.06 -12.75
N ASN A 140 8.36 17.71 -13.58
CA ASN A 140 9.18 18.87 -13.24
C ASN A 140 9.86 18.70 -11.90
N HIS A 141 10.20 17.45 -11.60
CA HIS A 141 10.83 17.03 -10.36
C HIS A 141 9.93 17.24 -9.15
N LYS A 142 8.62 17.04 -9.34
CA LYS A 142 7.69 17.05 -8.21
C LYS A 142 7.12 15.68 -7.87
N ILE A 143 7.26 14.70 -8.77
CA ILE A 143 6.98 13.31 -8.45
C ILE A 143 8.29 12.54 -8.49
N ASN A 144 8.86 12.30 -7.32
CA ASN A 144 10.20 11.77 -7.17
C ASN A 144 10.16 10.52 -6.31
N ASP A 145 11.17 9.67 -6.49
CA ASP A 145 11.25 8.40 -5.77
C ASP A 145 9.96 7.60 -5.86
N LEU A 146 9.33 7.60 -7.03
CA LEU A 146 8.03 6.94 -7.12
C LEU A 146 8.11 5.46 -6.81
N LEU A 147 9.25 4.82 -7.12
CA LEU A 147 9.41 3.40 -6.86
C LEU A 147 10.16 3.19 -5.55
N GLN A 148 9.52 2.51 -4.60
CA GLN A 148 10.19 2.21 -3.36
C GLN A 148 11.02 0.92 -3.52
N SER A 149 12.00 0.79 -2.64
CA SER A 149 12.98 -0.28 -2.78
C SER A 149 12.29 -1.64 -2.62
N GLY A 150 12.76 -2.61 -3.41
CA GLY A 150 12.13 -3.91 -3.41
C GLY A 150 10.87 -4.01 -4.24
N THR A 151 10.54 -2.97 -5.01
CA THR A 151 9.52 -3.15 -6.03
C THR A 151 10.09 -3.76 -7.31
N VAL A 152 11.40 -3.67 -7.52
CA VAL A 152 12.05 -4.32 -8.65
C VAL A 152 13.02 -5.39 -8.16
N GLU A 153 13.08 -6.48 -8.91
CA GLU A 153 13.95 -7.61 -8.61
C GLU A 153 14.56 -8.08 -9.93
N ALA A 154 15.75 -8.65 -9.87
CA ALA A 154 16.50 -8.95 -11.10
C ALA A 154 15.74 -9.86 -12.05
N ASN A 155 14.72 -10.58 -11.55
CA ASN A 155 13.87 -11.41 -12.38
C ASN A 155 12.51 -10.79 -12.66
N THR A 156 12.24 -9.57 -12.17
CA THR A 156 11.00 -8.89 -12.47
C THR A 156 10.72 -8.90 -13.97
N ARG A 157 9.45 -9.10 -14.33
CA ARG A 157 9.10 -9.15 -15.73
C ARG A 157 8.55 -7.82 -16.25
N LEU A 158 7.54 -7.26 -15.59
CA LEU A 158 6.88 -6.07 -16.09
C LEU A 158 6.41 -5.23 -14.91
N ILE A 159 6.84 -3.98 -14.87
CA ILE A 159 6.32 -3.03 -13.90
C ILE A 159 5.72 -1.85 -14.64
N ALA A 160 4.65 -1.31 -14.05
CA ALA A 160 3.95 -0.15 -14.56
C ALA A 160 4.09 1.00 -13.57
N VAL A 161 4.63 2.14 -14.03
CA VAL A 161 4.79 3.33 -13.20
C VAL A 161 4.03 4.47 -13.84
N ASN A 162 3.34 5.24 -13.02
CA ASN A 162 2.16 5.95 -13.51
C ASN A 162 1.97 7.24 -12.74
N ALA A 163 1.94 8.37 -13.45
CA ALA A 163 1.66 9.65 -12.82
C ALA A 163 1.26 10.66 -13.89
N ILE A 164 0.53 11.67 -13.43
CA ILE A 164 0.30 12.89 -14.20
C ILE A 164 0.86 14.04 -13.37
N TYR A 165 1.56 14.96 -14.02
CA TYR A 165 1.97 16.21 -13.37
C TYR A 165 1.07 17.33 -13.84
N PHE A 166 0.43 17.99 -12.90
CA PHE A 166 -0.51 19.08 -13.13
C PHE A 166 -0.04 20.32 -12.39
N LYS A 167 0.21 21.40 -13.13
CA LYS A 167 0.55 22.68 -12.54
C LYS A 167 -0.30 23.75 -13.20
N ALA A 168 -1.02 24.53 -12.39
CA ALA A 168 -1.91 25.54 -12.94
C ALA A 168 -2.18 26.60 -11.89
N SER A 169 -2.23 27.86 -12.32
CA SER A 169 -2.57 28.94 -11.42
C SER A 169 -4.08 29.06 -11.27
N TRP A 170 -4.53 29.41 -10.06
CA TRP A 170 -5.93 29.79 -9.91
C TRP A 170 -6.26 30.88 -10.92
N ASP A 171 -7.48 30.85 -11.44
CA ASP A 171 -7.97 32.02 -12.15
C ASP A 171 -8.01 33.22 -11.21
N GLU A 172 -8.37 33.00 -9.96
CA GLU A 172 -8.52 34.08 -8.99
C GLU A 172 -7.64 33.80 -7.77
N VAL A 173 -6.38 34.25 -7.82
CA VAL A 173 -5.43 33.85 -6.80
C VAL A 173 -5.79 34.51 -5.48
N PHE A 174 -5.38 33.87 -4.39
CA PHE A 174 -5.66 34.31 -3.04
C PHE A 174 -4.60 35.28 -2.56
N ASP A 175 -5.03 36.25 -1.75
CA ASP A 175 -4.12 37.22 -1.16
C ASP A 175 -3.49 36.61 0.08
N GLU A 176 -2.18 36.31 -0.01
CA GLU A 176 -1.50 35.56 1.05
C GLU A 176 -1.72 36.16 2.43
N ALA A 177 -1.85 37.49 2.53
CA ALA A 177 -2.02 38.13 3.83
C ALA A 177 -3.33 37.73 4.53
N HIS A 178 -4.27 37.12 3.81
CA HIS A 178 -5.53 36.65 4.39
C HIS A 178 -5.47 35.19 4.81
N THR A 179 -4.31 34.56 4.70
CA THR A 179 -4.19 33.15 5.00
C THR A 179 -4.04 33.01 6.50
N LYS A 180 -5.17 32.92 7.19
CA LYS A 180 -5.22 32.86 8.65
C LYS A 180 -5.35 31.40 9.10
N PRO A 181 -4.66 30.96 10.15
CA PRO A 181 -4.97 29.65 10.72
C PRO A 181 -6.34 29.65 11.38
N LYS A 182 -7.09 28.57 11.17
CA LYS A 182 -8.47 28.48 11.62
C LYS A 182 -8.74 27.08 12.14
N LYS A 183 -9.87 26.94 12.82
CA LYS A 183 -10.25 25.66 13.38
C LYS A 183 -10.87 24.78 12.30
N PHE A 184 -10.34 23.56 12.17
CA PHE A 184 -10.85 22.54 11.26
C PHE A 184 -11.24 21.31 12.07
N TYR A 185 -12.41 20.76 11.79
CA TYR A 185 -13.05 19.77 12.65
C TYR A 185 -13.08 18.39 12.01
N PRO A 186 -12.06 17.53 12.23
CA PRO A 186 -12.18 16.15 11.76
C PRO A 186 -13.47 15.51 12.20
N THR A 187 -13.97 15.91 13.37
CA THR A 187 -15.24 15.45 13.89
C THR A 187 -15.79 16.55 14.76
N PRO A 188 -17.11 16.73 14.84
CA PRO A 188 -17.67 17.89 15.55
C PRO A 188 -17.17 18.01 16.98
N HIS A 189 -16.78 16.90 17.61
CA HIS A 189 -16.09 16.98 18.90
C HIS A 189 -14.74 17.66 18.73
N SER A 190 -13.83 17.01 18.01
CA SER A 190 -12.42 17.35 17.96
C SER A 190 -12.14 18.57 17.04
N SER A 191 -10.90 19.03 17.09
CA SER A 191 -10.50 20.31 16.53
C SER A 191 -8.99 20.32 16.34
N ILE A 192 -8.54 21.01 15.29
CA ILE A 192 -7.12 21.22 15.00
C ILE A 192 -7.01 22.52 14.21
N LYS A 193 -5.95 23.27 14.45
CA LYS A 193 -5.83 24.63 13.91
C LYS A 193 -4.88 24.57 12.72
N ILE A 194 -5.37 24.98 11.55
CA ILE A 194 -4.59 24.80 10.32
C ILE A 194 -4.66 26.05 9.48
N PRO A 195 -3.67 26.28 8.64
CA PRO A 195 -3.70 27.44 7.74
C PRO A 195 -4.79 27.32 6.68
N MET A 196 -5.63 28.36 6.57
CA MET A 196 -6.72 28.40 5.60
C MET A 196 -6.64 29.65 4.73
N MET A 197 -6.96 29.50 3.45
CA MET A 197 -6.99 30.62 2.52
C MET A 197 -8.42 31.13 2.42
N THR A 198 -8.55 32.48 2.34
CA THR A 198 -9.84 33.13 2.17
C THR A 198 -9.77 34.21 1.10
N GLN A 199 -10.87 34.34 0.37
CA GLN A 199 -11.11 35.51 -0.47
C GLN A 199 -12.60 35.51 -0.82
N THR A 200 -13.06 36.62 -1.37
CA THR A 200 -14.44 36.78 -1.78
C THR A 200 -14.43 37.09 -3.26
N ASN A 201 -15.22 36.36 -4.03
CA ASN A 201 -15.03 36.43 -5.47
C ASN A 201 -16.18 35.69 -6.13
N GLY A 202 -16.18 35.69 -7.47
CA GLY A 202 -17.15 34.95 -8.23
C GLY A 202 -16.69 33.52 -8.43
N TYR A 203 -17.61 32.58 -8.19
CA TYR A 203 -17.31 31.16 -8.28
C TYR A 203 -18.53 30.40 -8.74
N SER A 204 -18.28 29.22 -9.32
CA SER A 204 -19.37 28.30 -9.62
C SER A 204 -19.88 27.70 -8.32
N TYR A 205 -21.20 27.54 -8.21
CA TYR A 205 -21.83 27.24 -6.94
C TYR A 205 -23.12 26.47 -7.19
N TYR A 206 -23.46 25.59 -6.24
CA TYR A 206 -24.67 24.79 -6.21
C TYR A 206 -24.83 24.20 -4.82
N GLU A 207 -26.08 24.00 -4.39
CA GLU A 207 -26.32 23.65 -3.00
C GLU A 207 -27.59 22.83 -2.86
N THR A 208 -27.59 21.95 -1.87
CA THR A 208 -28.72 21.08 -1.55
C THR A 208 -28.95 21.19 -0.05
N GLU A 209 -29.78 20.31 0.53
CA GLU A 209 -29.84 20.29 1.99
C GLU A 209 -28.57 19.72 2.58
N ASP A 210 -27.90 18.87 1.81
CA ASP A 210 -26.89 17.98 2.33
C ASP A 210 -25.46 18.43 2.09
N TYR A 211 -25.24 19.42 1.22
CA TYR A 211 -23.87 19.84 0.92
C TYR A 211 -23.90 21.09 0.06
N GLN A 212 -22.77 21.79 0.09
CA GLN A 212 -22.44 22.81 -0.89
C GLN A 212 -21.46 22.24 -1.91
N PHE A 213 -21.47 22.82 -3.10
CA PHE A 213 -20.62 22.33 -4.18
C PHE A 213 -20.00 23.56 -4.82
N LEU A 214 -18.68 23.70 -4.70
CA LEU A 214 -17.99 24.90 -5.13
C LEU A 214 -17.08 24.57 -6.31
N GLY A 215 -17.13 25.42 -7.34
CA GLY A 215 -16.16 25.37 -8.42
C GLY A 215 -15.14 26.49 -8.44
N MET A 216 -13.86 26.13 -8.43
CA MET A 216 -12.77 27.10 -8.50
C MET A 216 -12.05 26.89 -9.82
N ASP A 217 -12.10 27.89 -10.69
CA ASP A 217 -11.44 27.78 -11.97
C ASP A 217 -9.92 27.87 -11.79
N TYR A 218 -9.20 27.09 -12.59
CA TYR A 218 -7.79 27.36 -12.82
C TYR A 218 -7.68 28.33 -13.99
N TYR A 219 -6.47 28.52 -14.50
CA TYR A 219 -6.29 29.17 -15.79
C TYR A 219 -5.32 28.32 -16.59
N PRO A 220 -5.72 27.76 -17.74
CA PRO A 220 -7.01 27.98 -18.44
C PRO A 220 -8.25 27.48 -17.67
N GLU A 221 -9.40 28.11 -17.95
CA GLU A 221 -10.54 28.01 -17.06
C GLU A 221 -11.39 26.78 -17.30
N TYR A 222 -11.12 26.02 -18.36
CA TYR A 222 -11.74 24.71 -18.44
C TYR A 222 -11.12 23.73 -17.46
N LEU A 223 -10.04 24.13 -16.80
CA LEU A 223 -9.52 23.39 -15.64
C LEU A 223 -10.11 24.03 -14.40
N LYS A 224 -10.75 23.21 -13.55
CA LYS A 224 -11.43 23.69 -12.38
C LYS A 224 -11.22 22.68 -11.26
N MET A 225 -11.25 23.16 -10.02
CA MET A 225 -11.36 22.29 -8.87
C MET A 225 -12.69 22.45 -8.16
N PHE A 226 -13.23 21.32 -7.72
CA PHE A 226 -14.56 21.24 -7.18
C PHE A 226 -14.50 20.65 -5.78
N ILE A 227 -15.34 21.15 -4.89
CA ILE A 227 -15.37 20.68 -3.52
C ILE A 227 -16.81 20.40 -3.16
N LEU A 228 -17.08 19.20 -2.65
CA LEU A 228 -18.36 18.84 -2.11
C LEU A 228 -18.24 18.94 -0.59
N LEU A 229 -18.85 19.97 -0.03
CA LEU A 229 -18.73 20.26 1.38
C LEU A 229 -20.03 19.89 2.05
N PRO A 230 -20.07 18.78 2.80
CA PRO A 230 -21.34 18.37 3.43
C PRO A 230 -21.85 19.47 4.35
N LYS A 231 -23.16 19.63 4.36
CA LYS A 231 -23.78 20.65 5.18
C LYS A 231 -24.36 20.02 6.43
N SER A 232 -24.94 20.88 7.27
CA SER A 232 -26.01 20.49 8.19
C SER A 232 -25.46 19.42 9.12
N GLY A 233 -26.26 18.41 9.46
CA GLY A 233 -25.77 17.33 10.27
C GLY A 233 -25.47 16.09 9.46
N LYS A 234 -24.66 16.25 8.41
CA LYS A 234 -24.21 15.12 7.60
C LYS A 234 -22.68 15.11 7.53
N THR A 235 -22.10 13.93 7.78
CA THR A 235 -20.67 13.77 7.65
C THR A 235 -20.30 13.28 6.26
N LEU A 236 -19.04 13.52 5.88
CA LEU A 236 -18.52 13.02 4.61
C LEU A 236 -18.81 11.54 4.44
N SER A 237 -18.54 10.74 5.49
CA SER A 237 -18.64 9.28 5.40
C SER A 237 -20.03 8.82 4.97
N GLU A 238 -21.07 9.34 5.62
CA GLU A 238 -22.42 9.00 5.22
C GLU A 238 -22.73 9.53 3.83
N LEU A 239 -22.31 10.76 3.52
CA LEU A 239 -22.58 11.31 2.20
C LEU A 239 -21.91 10.49 1.10
N GLN A 240 -20.66 10.05 1.33
CA GLN A 240 -19.91 9.32 0.31
C GLN A 240 -20.67 8.12 -0.23
N GLN A 241 -21.43 7.46 0.62
CA GLN A 241 -22.19 6.32 0.17
C GLN A 241 -23.42 6.77 -0.60
N LYS A 242 -23.35 7.91 -1.30
CA LYS A 242 -24.50 8.29 -2.11
C LYS A 242 -24.11 8.80 -3.51
N PHE A 243 -22.87 8.54 -3.95
CA PHE A 243 -22.40 8.87 -5.30
C PHE A 243 -21.54 7.69 -5.74
N ASN A 244 -21.06 7.66 -7.00
CA ASN A 244 -21.36 8.55 -8.13
C ASN A 244 -21.80 7.72 -9.34
N GLU A 246 -22.11 12.01 -12.44
CA GLU A 246 -22.74 12.09 -11.14
C GLU A 246 -22.09 13.20 -10.29
N THR A 247 -20.86 12.96 -9.82
CA THR A 247 -19.91 14.06 -9.74
C THR A 247 -19.96 14.88 -11.04
N LEU A 248 -19.98 14.18 -12.20
CA LEU A 248 -20.08 14.87 -13.49
C LEU A 248 -21.39 15.61 -13.65
N LEU A 249 -22.48 15.07 -13.09
CA LEU A 249 -23.74 15.80 -13.10
C LEU A 249 -23.68 17.02 -12.19
N ASN A 250 -23.07 16.89 -11.02
CA ASN A 250 -22.92 18.07 -10.16
C ASN A 250 -22.33 19.20 -10.95
N LEU A 251 -21.40 18.88 -11.85
CA LEU A 251 -20.89 19.86 -12.80
C LEU A 251 -22.01 20.65 -13.47
N VAL A 252 -22.97 19.94 -14.06
CA VAL A 252 -23.96 20.63 -14.88
C VAL A 252 -24.80 21.58 -14.04
N SER A 253 -24.91 21.36 -12.73
CA SER A 253 -25.86 22.12 -11.94
C SER A 253 -25.27 23.38 -11.28
N LYS A 254 -24.08 23.82 -11.66
CA LYS A 254 -23.52 24.95 -10.94
C LYS A 254 -23.85 26.27 -11.62
N VAL A 255 -24.05 27.29 -10.80
CA VAL A 255 -24.31 28.64 -11.27
C VAL A 255 -23.62 29.64 -10.36
N ALA A 258 -22.56 32.62 -9.08
CA ALA A 258 -22.69 33.06 -7.69
C ALA A 258 -21.41 33.62 -7.10
N GLU A 259 -21.57 34.65 -6.28
CA GLU A 259 -20.46 35.25 -5.58
C GLU A 259 -20.39 34.63 -4.20
N VAL A 260 -19.25 34.07 -3.85
CA VAL A 260 -19.10 33.32 -2.63
C VAL A 260 -17.85 33.81 -1.92
N LYS A 261 -17.91 33.87 -0.61
CA LYS A 261 -16.74 34.12 0.22
C LYS A 261 -16.20 32.74 0.57
N VAL A 262 -15.06 32.40 -0.03
CA VAL A 262 -14.50 31.04 0.02
C VAL A 262 -13.40 31.00 1.06
N THR A 263 -13.49 30.03 1.99
CA THR A 263 -12.39 29.73 2.92
C THR A 263 -12.09 28.24 2.86
N ILE A 264 -10.90 27.89 2.36
CA ILE A 264 -10.51 26.49 2.18
C ILE A 264 -9.13 26.25 2.77
N PRO A 265 -8.86 25.07 3.30
CA PRO A 265 -7.51 24.76 3.78
C PRO A 265 -6.43 24.95 2.71
N LYS A 266 -5.25 25.33 3.19
CA LYS A 266 -4.07 25.52 2.36
C LYS A 266 -3.13 24.36 2.68
N MET A 267 -3.02 23.41 1.76
CA MET A 267 -2.41 22.13 2.10
C MET A 267 -1.69 21.53 0.89
N LYS A 268 -1.06 20.38 1.13
CA LYS A 268 -0.19 19.73 0.17
C LYS A 268 -0.46 18.24 0.20
N PHE A 269 -0.78 17.68 -0.96
CA PHE A 269 -1.06 16.25 -1.11
C PHE A 269 0.08 15.60 -1.87
N GLU A 270 0.60 14.50 -1.31
CA GLU A 270 1.71 13.76 -1.86
C GLU A 270 1.47 12.32 -1.44
N LYS A 271 0.63 11.64 -2.22
CA LYS A 271 0.24 10.25 -1.96
C LYS A 271 0.94 9.33 -2.96
N GLN A 272 1.75 8.44 -2.45
CA GLN A 272 2.24 7.29 -3.19
C GLN A 272 1.38 6.09 -2.86
N MET A 273 1.14 5.26 -3.87
CA MET A 273 0.18 4.16 -3.82
C MET A 273 0.64 3.00 -4.70
N ASN A 274 0.81 1.83 -4.08
CA ASN A 274 0.96 0.58 -4.81
C ASN A 274 -0.43 0.00 -5.00
N LEU A 275 -0.84 -0.13 -6.25
CA LEU A 275 -2.26 -0.25 -6.54
C LEU A 275 -2.76 -1.67 -6.63
N VAL A 276 -1.87 -2.67 -6.55
CA VAL A 276 -2.26 -4.05 -6.86
C VAL A 276 -3.46 -4.48 -6.02
N GLU A 277 -3.41 -4.18 -4.73
CA GLU A 277 -4.44 -4.68 -3.84
C GLU A 277 -5.77 -3.99 -4.13
N ALA A 278 -5.75 -2.68 -4.38
CA ALA A 278 -6.99 -1.99 -4.75
C ALA A 278 -7.58 -2.57 -6.04
N LEU A 279 -6.73 -2.78 -7.04
CA LEU A 279 -7.23 -3.27 -8.33
C LEU A 279 -7.70 -4.72 -8.21
N LYS A 280 -6.98 -5.54 -7.43
CA LYS A 280 -7.48 -6.89 -7.11
C LYS A 280 -8.88 -6.80 -6.51
N LYS A 281 -9.04 -6.04 -5.42
CA LYS A 281 -10.36 -5.81 -4.83
C LYS A 281 -11.37 -5.35 -5.87
N LEU A 282 -10.92 -4.61 -6.88
CA LEU A 282 -11.86 -4.15 -7.90
C LEU A 282 -12.19 -5.22 -8.94
N GLY A 283 -11.49 -6.34 -8.96
CA GLY A 283 -11.76 -7.39 -9.93
C GLY A 283 -10.68 -7.65 -10.97
N ILE A 284 -9.52 -7.01 -10.85
CA ILE A 284 -8.42 -7.22 -11.77
C ILE A 284 -7.45 -8.14 -11.04
N GLU A 285 -7.39 -9.39 -11.47
CA GLU A 285 -6.54 -10.30 -10.72
C GLU A 285 -5.54 -11.08 -11.56
N ASP A 286 -6.00 -11.71 -12.67
CA ASP A 286 -5.07 -12.53 -13.44
C ASP A 286 -3.85 -11.73 -13.86
N LEU A 287 -4.00 -10.40 -13.99
CA LEU A 287 -2.91 -9.57 -14.50
C LEU A 287 -1.66 -9.70 -13.63
N PHE A 288 -1.84 -9.93 -12.33
CA PHE A 288 -0.73 -9.98 -11.38
C PHE A 288 -0.31 -11.42 -11.02
N ILE A 289 -0.90 -12.42 -11.62
CA ILE A 289 -0.62 -13.84 -11.27
C ILE A 289 0.36 -14.39 -12.34
N PRO A 290 1.58 -14.73 -11.95
CA PRO A 290 2.48 -15.38 -12.93
C PRO A 290 1.85 -16.64 -13.50
N GLY A 291 2.14 -16.89 -14.76
CA GLY A 291 1.57 -18.04 -15.44
C GLY A 291 0.18 -17.79 -15.93
N LYS A 292 -0.70 -17.29 -15.06
CA LYS A 292 -2.09 -17.03 -15.43
C LYS A 292 -2.28 -15.75 -16.25
N ALA A 293 -1.54 -14.69 -15.94
CA ALA A 293 -1.62 -13.46 -16.72
C ALA A 293 -1.45 -13.74 -18.21
N ASP A 294 -2.32 -13.16 -19.03
CA ASP A 294 -2.18 -13.28 -20.48
C ASP A 294 -1.84 -11.92 -21.09
N LEU A 295 -0.55 -11.67 -21.26
CA LEU A 295 -0.02 -10.51 -21.95
C LEU A 295 0.61 -10.92 -23.29
N SER A 296 0.01 -11.93 -23.94
CA SER A 296 0.51 -12.40 -25.23
C SER A 296 0.49 -11.32 -26.30
N GLY A 297 -0.28 -10.25 -26.09
CA GLY A 297 -0.22 -9.12 -26.98
C GLY A 297 1.02 -8.26 -26.79
N ILE A 298 1.74 -8.42 -25.68
CA ILE A 298 3.00 -7.70 -25.46
C ILE A 298 4.19 -8.56 -25.82
N CYS A 299 4.18 -9.81 -25.38
CA CYS A 299 5.29 -10.73 -25.61
C CYS A 299 4.73 -12.14 -25.84
N VAL A 300 4.98 -12.69 -27.03
CA VAL A 300 4.55 -14.05 -27.33
C VAL A 300 5.59 -15.10 -26.97
N LYS A 301 6.86 -14.73 -26.83
CA LYS A 301 7.93 -15.71 -26.63
C LYS A 301 8.31 -15.86 -25.17
N GLU A 302 7.47 -15.38 -24.26
CA GLU A 302 7.65 -15.57 -22.82
C GLU A 302 6.39 -15.05 -22.12
N LYS A 303 6.14 -15.62 -20.94
CA LYS A 303 4.94 -15.32 -20.14
C LYS A 303 5.19 -14.09 -19.27
N LEU A 304 4.68 -12.93 -19.68
CA LEU A 304 4.77 -11.73 -18.86
C LEU A 304 3.63 -11.67 -17.86
N TYR A 305 3.85 -10.94 -16.77
CA TYR A 305 2.82 -10.64 -15.77
C TYR A 305 3.27 -9.38 -15.02
N VAL A 306 2.30 -8.66 -14.44
CA VAL A 306 2.59 -7.39 -13.79
C VAL A 306 2.94 -7.62 -12.32
N SER A 307 4.16 -7.32 -11.95
CA SER A 307 4.51 -7.43 -10.55
C SER A 307 3.96 -6.26 -9.74
N ASP A 308 3.94 -5.05 -10.32
CA ASP A 308 3.52 -3.88 -9.57
C ASP A 308 3.21 -2.73 -10.49
N ILE A 309 2.06 -2.11 -10.25
CA ILE A 309 1.64 -0.82 -10.79
C ILE A 309 1.80 0.21 -9.68
N VAL A 310 2.65 1.22 -9.88
CA VAL A 310 2.95 2.18 -8.83
C VAL A 310 2.59 3.58 -9.30
N HIS A 311 1.90 4.33 -8.45
CA HIS A 311 1.34 5.63 -8.75
C HIS A 311 1.65 6.61 -7.62
N LYS A 312 2.05 7.81 -7.98
CA LYS A 312 2.22 8.88 -7.02
C LYS A 312 1.52 10.12 -7.56
N ALA A 313 0.90 10.89 -6.66
CA ALA A 313 0.17 12.10 -7.03
C ALA A 313 0.56 13.27 -6.13
N TYR A 314 0.95 14.39 -6.74
CA TYR A 314 1.30 15.59 -6.01
C TYR A 314 0.37 16.73 -6.42
N LEU A 315 -0.02 17.56 -5.44
CA LEU A 315 -0.87 18.73 -5.67
C LEU A 315 -1.02 19.53 -4.39
N GLU A 316 -1.05 20.86 -4.55
CA GLU A 316 -1.14 21.80 -3.45
C GLU A 316 -2.41 22.61 -3.55
N PHE A 317 -3.04 22.86 -2.40
CA PHE A 317 -3.92 24.00 -2.22
C PHE A 317 -3.04 25.18 -1.83
N ASN A 318 -2.83 26.11 -2.76
CA ASN A 318 -1.91 27.21 -2.60
C ASN A 318 -2.64 28.52 -2.94
N GLU A 319 -2.19 29.61 -2.30
CA GLU A 319 -2.70 30.92 -2.70
C GLU A 319 -2.55 31.10 -4.20
N GLU A 320 -1.47 30.58 -4.76
CA GLU A 320 -1.18 30.80 -6.16
C GLU A 320 -1.86 29.77 -7.07
N GLY A 321 -2.31 28.65 -6.52
CA GLY A 321 -3.00 27.60 -7.28
C GLY A 321 -2.58 26.21 -6.85
N THR A 322 -2.20 25.40 -7.83
CA THR A 322 -1.45 24.16 -7.57
C THR A 322 0.00 24.58 -7.51
N GLU A 323 0.61 24.50 -6.33
CA GLU A 323 1.95 25.04 -6.10
C GLU A 323 1.96 26.54 -6.35
N GLU A 345 -20.10 32.09 3.70
CA GLU A 345 -20.48 31.40 2.47
C GLU A 345 -19.99 29.95 2.38
N PHE A 346 -18.71 29.77 2.09
CA PHE A 346 -18.14 28.43 1.85
C PHE A 346 -16.87 28.30 2.68
N VAL A 347 -16.99 27.57 3.78
CA VAL A 347 -15.92 27.42 4.76
C VAL A 347 -15.65 25.92 4.87
N ALA A 348 -14.56 25.46 4.25
CA ALA A 348 -14.24 24.03 4.22
C ALA A 348 -13.47 23.65 5.49
N ASP A 349 -14.22 23.62 6.60
CA ASP A 349 -13.65 23.36 7.92
C ASP A 349 -14.07 22.03 8.50
N HIS A 350 -14.85 21.22 7.79
CA HIS A 350 -15.07 19.84 8.13
C HIS A 350 -14.77 19.01 6.89
N PRO A 351 -14.71 17.68 7.04
CA PRO A 351 -14.25 16.84 5.92
C PRO A 351 -15.03 17.07 4.63
N PHE A 352 -14.31 17.01 3.52
CA PHE A 352 -14.89 17.29 2.23
C PHE A 352 -14.18 16.46 1.17
N LEU A 353 -14.89 16.21 0.09
CA LEU A 353 -14.37 15.56 -1.09
C LEU A 353 -14.02 16.60 -2.14
N PHE A 354 -12.98 16.34 -2.93
CA PHE A 354 -12.59 17.27 -3.98
C PHE A 354 -12.10 16.53 -5.22
N PHE A 355 -12.27 17.17 -6.38
CA PHE A 355 -11.71 16.62 -7.61
C PHE A 355 -11.32 17.75 -8.57
N ILE A 356 -10.30 17.47 -9.38
CA ILE A 356 -9.83 18.42 -10.39
C ILE A 356 -10.39 17.99 -11.75
N PHE A 357 -11.09 18.90 -12.41
CA PHE A 357 -11.97 18.60 -13.55
C PHE A 357 -11.48 19.33 -14.79
N ASP A 358 -11.44 18.61 -15.89
CA ASP A 358 -11.12 19.15 -17.22
C ASP A 358 -12.44 19.19 -17.98
N SER A 359 -13.01 20.39 -18.13
CA SER A 359 -14.32 20.48 -18.76
C SER A 359 -14.27 20.11 -20.24
N ARG A 360 -13.09 20.15 -20.85
CA ARG A 360 -12.96 19.76 -22.26
C ARG A 360 -13.39 18.32 -22.47
N SER A 361 -12.78 17.39 -21.72
CA SER A 361 -13.12 15.99 -21.91
C SER A 361 -14.15 15.50 -20.90
N LYS A 362 -14.46 16.33 -19.89
CA LYS A 362 -15.26 15.91 -18.72
C LYS A 362 -14.54 14.79 -17.94
N ALA A 363 -13.23 14.89 -17.87
CA ALA A 363 -12.40 13.88 -17.23
C ALA A 363 -12.08 14.29 -15.80
N ILE A 364 -12.17 13.34 -14.88
CA ILE A 364 -11.79 13.55 -13.49
C ILE A 364 -10.28 13.31 -13.39
N LEU A 365 -9.49 14.38 -13.55
CA LEU A 365 -8.03 14.28 -13.53
C LEU A 365 -7.50 13.82 -12.17
N PHE A 366 -8.11 14.34 -11.11
CA PHE A 366 -7.73 13.97 -9.76
C PHE A 366 -9.01 13.84 -8.96
N ILE A 367 -9.00 12.96 -7.97
CA ILE A 367 -10.07 12.86 -6.98
C ILE A 367 -9.38 12.75 -5.62
N GLY A 368 -10.06 13.20 -4.58
CA GLY A 368 -9.40 13.19 -3.29
C GLY A 368 -10.40 13.44 -2.18
N ARG A 369 -9.88 13.42 -0.97
CA ARG A 369 -10.63 13.68 0.24
C ARG A 369 -9.70 14.33 1.25
N PHE A 370 -10.21 15.32 1.98
CA PHE A 370 -9.45 15.97 3.07
C PHE A 370 -10.27 15.90 4.35
N SER A 371 -9.76 15.19 5.34
CA SER A 371 -10.47 14.98 6.60
C SER A 371 -9.77 15.61 7.79
N GLY A 372 -8.69 16.34 7.60
CA GLY A 372 -7.89 16.78 8.72
C GLY A 372 -6.93 15.72 9.24
N ASN A 373 -6.40 14.89 8.35
CA ASN A 373 -5.49 13.77 8.67
C ASN A 373 -6.09 12.71 9.59
N GLU B 2 5.76 -17.36 28.54
CA GLU B 2 5.92 -16.83 27.18
C GLU B 2 5.16 -17.68 26.15
N THR B 3 5.07 -19.00 26.39
CA THR B 3 4.18 -19.84 25.59
C THR B 3 2.74 -19.33 25.65
N GLU B 4 2.33 -18.79 26.81
CA GLU B 4 1.01 -18.19 26.96
C GLU B 4 0.71 -17.12 25.89
N ILE B 5 1.75 -16.62 25.20
CA ILE B 5 1.56 -15.71 24.07
C ILE B 5 1.45 -16.45 22.74
N ALA B 6 2.01 -17.68 22.66
CA ALA B 6 2.06 -18.40 21.39
C ALA B 6 0.68 -18.60 20.78
N LYS B 7 -0.28 -19.07 21.59
CA LYS B 7 -1.63 -19.34 21.09
C LYS B 7 -2.31 -18.10 20.53
N PRO B 8 -2.50 -17.01 21.29
CA PRO B 8 -3.13 -15.84 20.66
C PRO B 8 -2.27 -15.23 19.56
N LEU B 9 -0.95 -15.36 19.64
CA LEU B 9 -0.11 -14.82 18.59
C LEU B 9 -0.25 -15.61 17.30
N ALA B 10 -0.27 -16.95 17.41
CA ALA B 10 -0.49 -17.79 16.24
C ALA B 10 -1.88 -17.58 15.69
N ASP B 11 -2.88 -17.65 16.56
CA ASP B 11 -4.25 -17.37 16.16
C ASP B 11 -4.36 -16.02 15.46
N PHE B 12 -3.67 -15.02 16.00
CA PHE B 12 -3.62 -13.72 15.36
C PHE B 12 -2.93 -13.80 14.00
N ALA B 13 -1.78 -14.48 13.94
CA ALA B 13 -1.07 -14.67 12.67
C ALA B 13 -1.99 -15.21 11.58
N TYR B 14 -2.65 -16.34 11.85
CA TYR B 14 -3.46 -16.95 10.80
C TYR B 14 -4.66 -16.10 10.44
N SER B 15 -5.22 -15.38 11.40
CA SER B 15 -6.35 -14.51 11.09
C SER B 15 -5.93 -13.40 10.14
N LEU B 16 -4.74 -12.85 10.32
CA LEU B 16 -4.25 -11.84 9.40
C LEU B 16 -4.00 -12.44 8.02
N TYR B 17 -3.35 -13.60 7.99
CA TYR B 17 -2.99 -14.21 6.72
C TYR B 17 -4.22 -14.42 5.85
N GLN B 18 -5.33 -14.90 6.43
CA GLN B 18 -6.51 -15.22 5.63
C GLN B 18 -7.12 -13.98 5.00
N LEU B 19 -7.00 -12.82 5.66
CA LEU B 19 -7.57 -11.60 5.08
C LEU B 19 -6.83 -11.16 3.82
N GLU B 20 -5.57 -11.56 3.64
CA GLU B 20 -4.87 -11.37 2.36
C GLU B 20 -5.34 -12.39 1.30
N ALA B 22 -3.76 -12.09 -1.45
CA ALA B 22 -4.50 -12.57 -2.61
C ALA B 22 -3.54 -13.16 -3.65
N GLY B 23 -2.24 -12.86 -3.50
CA GLY B 23 -1.16 -13.54 -4.22
C GLY B 23 -0.02 -14.02 -3.30
N ASN B 24 1.19 -13.46 -3.44
CA ASN B 24 2.21 -13.67 -2.41
C ASN B 24 1.82 -12.97 -1.11
N VAL B 25 2.30 -13.51 -0.01
CA VAL B 25 2.04 -12.96 1.30
C VAL B 25 3.30 -13.17 2.12
N PHE B 26 3.64 -12.17 2.95
CA PHE B 26 4.76 -12.26 3.90
C PHE B 26 4.73 -11.11 4.91
N PHE B 27 4.67 -11.42 6.20
CA PHE B 27 4.75 -10.39 7.23
C PHE B 27 5.15 -11.03 8.56
N SER B 28 5.46 -10.16 9.55
CA SER B 28 5.78 -10.61 10.88
C SER B 28 4.59 -10.46 11.81
N PRO B 29 3.92 -11.55 12.18
CA PRO B 29 2.92 -11.46 13.26
C PRO B 29 3.48 -10.88 14.53
N VAL B 30 4.72 -11.25 14.88
CA VAL B 30 5.32 -10.83 16.14
C VAL B 30 5.52 -9.32 16.16
N SER B 31 6.16 -8.80 15.11
CA SER B 31 6.37 -7.36 14.94
C SER B 31 5.06 -6.60 15.06
N ILE B 32 4.04 -7.02 14.29
CA ILE B 32 2.74 -6.37 14.35
C ILE B 32 2.14 -6.49 15.75
N PHE B 33 2.25 -7.67 16.35
CA PHE B 33 1.74 -7.88 17.69
C PHE B 33 2.39 -6.93 18.70
N LEU B 34 3.68 -6.64 18.50
CA LEU B 34 4.38 -5.76 19.42
C LEU B 34 3.95 -4.30 19.22
N ALA B 35 3.59 -3.92 18.00
CA ALA B 35 3.07 -2.57 17.80
C ALA B 35 1.70 -2.42 18.45
N LEU B 36 0.87 -3.45 18.33
CA LEU B 36 -0.42 -3.44 19.00
C LEU B 36 -0.28 -3.43 20.52
N ALA B 37 0.85 -3.93 21.03
CA ALA B 37 1.05 -3.90 22.48
C ALA B 37 1.25 -2.47 22.98
N MET B 38 1.97 -1.64 22.23
CA MET B 38 2.15 -0.25 22.67
C MET B 38 0.83 0.47 22.78
N VAL B 39 0.04 0.49 21.71
CA VAL B 39 -1.24 1.19 21.70
C VAL B 39 -2.22 0.47 22.61
N PHE B 40 -1.80 -0.67 23.15
CA PHE B 40 -2.52 -1.31 24.25
C PHE B 40 -2.04 -0.84 25.61
N PHE B 41 -0.74 -0.57 25.75
CA PHE B 41 -0.22 0.01 26.98
C PHE B 41 -0.87 1.36 27.28
N GLY B 42 -1.43 2.04 26.27
CA GLY B 42 -1.88 3.39 26.46
C GLY B 42 -3.32 3.65 26.08
N SER B 43 -4.15 2.61 26.01
CA SER B 43 -5.54 2.80 25.65
C SER B 43 -6.44 2.32 26.78
N ASN B 44 -7.72 2.71 26.67
CA ASN B 44 -8.78 2.29 27.57
C ASN B 44 -10.08 2.21 26.77
N GLY B 45 -11.18 2.04 27.50
CA GLY B 45 -12.50 2.02 26.88
C GLY B 45 -12.67 0.87 25.90
N ASN B 46 -13.38 1.15 24.81
CA ASN B 46 -13.66 0.18 23.77
C ASN B 46 -12.46 -0.06 22.86
N THR B 47 -11.68 0.99 22.59
CA THR B 47 -10.41 0.84 21.90
C THR B 47 -9.59 -0.27 22.51
N ASN B 48 -9.58 -0.35 23.83
CA ASN B 48 -8.71 -1.31 24.50
C ASN B 48 -9.29 -2.71 24.48
N THR B 49 -10.62 -2.85 24.39
CA THR B 49 -11.23 -4.16 24.41
C THR B 49 -11.12 -4.86 23.06
N GLN B 50 -11.48 -4.17 21.96
CA GLN B 50 -11.30 -4.75 20.63
C GLN B 50 -9.84 -5.12 20.40
N LEU B 51 -8.91 -4.29 20.88
CA LEU B 51 -7.52 -4.72 20.93
C LEU B 51 -7.40 -6.03 21.70
N LEU B 52 -7.92 -6.04 22.93
CA LEU B 52 -7.72 -7.17 23.82
C LEU B 52 -8.40 -8.44 23.31
N ASN B 53 -9.62 -8.31 22.74
CA ASN B 53 -10.34 -9.50 22.28
C ASN B 53 -9.58 -10.21 21.18
N MET B 55 -8.90 -9.46 20.34
CA MET B 55 -8.05 -10.04 19.31
C MET B 55 -6.68 -10.42 19.86
N PHE B 56 -6.26 -9.81 20.95
CA PHE B 56 -4.91 -9.79 21.47
C PHE B 56 -4.65 -10.94 22.42
N LYS B 57 -5.35 -10.93 23.56
CA LYS B 57 -5.10 -11.77 24.71
C LYS B 57 -3.64 -11.63 25.15
N SER B 71 1.34 -8.08 33.24
CA SER B 71 1.19 -8.29 31.80
C SER B 71 2.52 -8.13 31.06
N PHE B 72 3.35 -9.19 31.17
CA PHE B 72 4.75 -9.18 30.73
C PHE B 72 4.91 -9.83 29.35
N VAL B 73 4.56 -9.05 28.32
CA VAL B 73 5.19 -9.16 27.00
C VAL B 73 6.68 -8.81 27.08
N SER B 74 7.11 -8.32 28.24
CA SER B 74 8.51 -7.97 28.46
C SER B 74 9.38 -9.21 28.57
N SER B 75 8.82 -10.31 29.08
CA SER B 75 9.55 -11.55 29.13
C SER B 75 9.60 -12.21 27.75
N LEU B 76 8.52 -12.06 26.95
CA LEU B 76 8.54 -12.57 25.58
C LEU B 76 9.49 -11.78 24.71
N THR B 77 9.46 -10.45 24.81
CA THR B 77 10.37 -9.62 24.01
C THR B 77 11.80 -10.02 24.29
N ILE B 78 12.16 -10.11 25.57
CA ILE B 78 13.53 -10.41 25.94
C ILE B 78 13.87 -11.86 25.58
N ASP B 79 12.87 -12.73 25.55
CA ASP B 79 13.09 -14.09 25.08
C ASP B 79 13.54 -14.14 23.61
N GLU B 80 13.36 -13.06 22.85
CA GLU B 80 13.63 -13.09 21.41
C GLU B 80 15.08 -12.82 21.02
N TYR B 81 15.89 -12.26 21.90
CA TYR B 81 17.30 -12.08 21.60
C TYR B 81 18.06 -13.38 21.92
N TYR B 82 18.99 -13.76 21.04
CA TYR B 82 19.37 -12.99 19.87
C TYR B 82 18.69 -13.60 18.65
N ALA B 84 23.90 -14.72 12.98
CA ALA B 84 22.46 -14.57 13.14
C ALA B 84 22.03 -13.25 13.78
N SER B 85 20.90 -12.71 13.31
CA SER B 85 20.40 -11.40 13.75
C SER B 85 18.89 -11.40 13.84
N LEU B 86 18.36 -10.85 14.93
CA LEU B 86 16.93 -10.61 15.11
C LEU B 86 16.77 -9.22 15.71
N LYS B 87 16.36 -8.25 14.89
CA LYS B 87 16.30 -6.86 15.31
C LYS B 87 14.87 -6.32 15.15
N LEU B 88 14.33 -5.78 16.24
CA LEU B 88 12.99 -5.21 16.31
C LEU B 88 13.03 -3.69 16.18
N ALA B 89 12.12 -3.14 15.38
CA ALA B 89 12.02 -1.71 15.15
C ALA B 89 10.55 -1.36 15.35
N ASN B 90 10.18 -1.06 16.59
CA ASN B 90 8.81 -0.81 17.00
C ASN B 90 8.72 0.59 17.59
N ARG B 91 8.02 1.50 16.90
CA ARG B 91 7.99 2.89 17.34
C ARG B 91 6.63 3.52 17.08
N LEU B 92 6.22 4.40 18.01
CA LEU B 92 5.15 5.38 17.81
C LEU B 92 5.75 6.74 17.47
N TYR B 93 5.10 7.44 16.56
CA TYR B 93 5.48 8.82 16.21
C TYR B 93 4.25 9.69 16.38
N ALA B 94 4.33 10.67 17.28
CA ALA B 94 3.22 11.59 17.56
C ALA B 94 3.61 13.01 17.16
N ASN B 95 2.61 13.77 16.74
CA ASN B 95 2.79 15.21 16.57
C ASN B 95 3.29 15.79 17.89
N ASP B 96 4.38 16.56 17.81
CA ASP B 96 5.02 17.14 18.98
C ASP B 96 4.20 18.25 19.62
N GLN B 97 3.04 18.60 19.07
CA GLN B 97 2.13 19.50 19.76
C GLN B 97 1.28 18.75 20.80
N TYR B 98 1.34 17.42 20.83
CA TYR B 98 0.44 16.90 21.83
C TYR B 98 1.24 16.47 23.05
N PRO B 99 0.71 16.70 24.26
CA PRO B 99 1.43 16.29 25.47
C PRO B 99 1.27 14.80 25.72
N ILE B 100 2.38 14.11 25.85
CA ILE B 100 2.36 12.66 26.07
C ILE B 100 2.66 12.37 27.54
N LEU B 101 1.94 11.40 28.11
CA LEU B 101 2.10 11.04 29.51
C LEU B 101 3.36 10.22 29.68
N HIS B 102 4.26 10.70 30.54
CA HIS B 102 5.57 10.09 30.72
C HIS B 102 5.51 8.70 31.33
N PRO B 103 4.52 8.34 32.15
CA PRO B 103 4.36 6.92 32.48
C PRO B 103 4.26 6.03 31.25
N PHE B 104 3.45 6.43 30.26
CA PHE B 104 3.35 5.65 29.03
C PHE B 104 4.69 5.55 28.32
N LEU B 105 5.43 6.66 28.26
CA LEU B 105 6.76 6.67 27.64
C LEU B 105 7.70 5.69 28.33
N LYS B 106 7.58 5.55 29.65
CA LYS B 106 8.52 4.70 30.35
C LYS B 106 8.13 3.24 30.22
N ASP B 107 6.83 2.95 30.27
CA ASP B 107 6.26 1.63 30.04
C ASP B 107 6.73 1.03 28.74
N VAL B 108 6.30 1.57 27.61
CA VAL B 108 6.61 0.92 26.35
C VAL B 108 8.12 0.79 26.17
N LYS B 109 8.90 1.64 26.85
CA LYS B 109 10.34 1.53 26.76
C LYS B 109 10.89 0.39 27.60
N ARG B 110 10.23 0.04 28.72
CA ARG B 110 10.80 -0.98 29.59
C ARG B 110 10.23 -2.37 29.37
N TYR B 111 8.94 -2.47 29.04
CA TYR B 111 8.27 -3.74 28.85
C TYR B 111 8.14 -4.17 27.39
N LEU B 112 8.58 -3.32 26.45
CA LEU B 112 8.47 -3.62 25.02
C LEU B 112 9.71 -3.28 24.20
N SER B 113 10.73 -2.63 24.78
CA SER B 113 11.88 -2.15 24.01
C SER B 113 11.44 -1.28 22.84
N SER B 114 10.37 -0.52 23.03
CA SER B 114 9.83 0.36 22.03
C SER B 114 9.70 1.74 22.65
N ASP B 115 9.55 2.76 21.82
CA ASP B 115 9.43 4.10 22.34
C ASP B 115 8.38 4.84 21.54
N LEU B 116 7.81 5.87 22.17
CA LEU B 116 7.03 6.86 21.45
C LEU B 116 7.88 8.11 21.31
N VAL B 117 8.00 8.62 20.09
CA VAL B 117 8.80 9.80 19.80
C VAL B 117 7.90 10.91 19.24
N SER B 118 8.05 12.12 19.79
CA SER B 118 7.31 13.31 19.36
C SER B 118 8.15 14.06 18.34
N VAL B 119 7.58 14.29 17.15
CA VAL B 119 8.29 14.95 16.06
C VAL B 119 7.40 16.03 15.47
N ASN B 120 8.05 16.98 14.80
CA ASN B 120 7.35 17.98 14.03
C ASN B 120 7.02 17.42 12.65
N PHE B 121 5.76 16.99 12.49
CA PHE B 121 5.28 16.50 11.20
C PHE B 121 5.19 17.59 10.12
N ALA B 122 5.28 18.87 10.48
CA ALA B 122 5.51 19.87 9.45
C ALA B 122 6.78 19.55 8.68
N ASP B 123 6.83 19.93 7.41
CA ASP B 123 7.82 19.39 6.49
C ASP B 123 7.73 17.85 6.52
N THR B 124 6.62 17.38 5.96
CA THR B 124 6.28 15.97 6.10
C THR B 124 7.29 15.10 5.38
N GLU B 125 7.74 15.52 4.19
CA GLU B 125 8.72 14.72 3.50
C GLU B 125 10.03 14.70 4.27
N ALA B 126 10.30 15.71 5.10
CA ALA B 126 11.48 15.66 5.95
C ALA B 126 11.31 14.63 7.06
N ALA B 127 10.20 14.70 7.79
CA ALA B 127 9.95 13.71 8.83
C ALA B 127 9.99 12.29 8.27
N ARG B 128 9.23 12.03 7.20
CA ARG B 128 9.15 10.68 6.64
C ARG B 128 10.53 10.15 6.26
N LEU B 129 11.35 11.00 5.62
CA LEU B 129 12.70 10.55 5.26
C LEU B 129 13.56 10.33 6.48
N GLN B 130 13.23 10.97 7.58
CA GLN B 130 13.95 10.70 8.82
C GLN B 130 13.49 9.39 9.45
N ILE B 131 12.17 9.15 9.46
CA ILE B 131 11.65 7.91 10.04
C ILE B 131 12.16 6.70 9.28
N ASN B 132 12.09 6.75 7.95
CA ASN B 132 12.64 5.66 7.14
C ASN B 132 14.13 5.49 7.39
N LYS B 133 14.85 6.60 7.62
CA LYS B 133 16.26 6.53 7.93
C LYS B 133 16.48 5.78 9.22
N TRP B 134 15.64 6.04 10.22
CA TRP B 134 15.75 5.31 11.48
C TRP B 134 15.50 3.83 11.27
N VAL B 135 14.49 3.48 10.46
CA VAL B 135 14.10 2.08 10.33
C VAL B 135 15.21 1.27 9.68
N SER B 136 15.84 1.81 8.63
CA SER B 136 16.89 1.06 7.95
C SER B 136 18.11 0.90 8.86
N ASP B 137 18.39 1.89 9.72
CA ASP B 137 19.54 1.80 10.61
C ASP B 137 19.36 0.72 11.68
N GLN B 138 18.13 0.50 12.16
CA GLN B 138 17.87 -0.58 13.12
C GLN B 138 17.77 -1.95 12.47
N THR B 139 17.61 -2.00 11.16
CA THR B 139 17.41 -3.26 10.45
C THR B 139 18.54 -3.53 9.48
N ASN B 140 19.75 -3.09 9.80
CA ASN B 140 20.96 -3.41 9.03
C ASN B 140 20.89 -2.86 7.60
N HIS B 141 20.10 -1.79 7.39
CA HIS B 141 19.88 -1.20 6.07
C HIS B 141 19.16 -2.16 5.10
N LYS B 142 18.46 -3.15 5.64
CA LYS B 142 17.66 -4.05 4.82
C LYS B 142 16.20 -3.63 4.70
N ILE B 143 15.63 -3.00 5.72
CA ILE B 143 14.24 -2.53 5.66
C ILE B 143 14.28 -1.02 5.44
N ASN B 144 14.19 -0.64 4.16
CA ASN B 144 14.26 0.73 3.69
C ASN B 144 12.94 1.14 3.06
N ASP B 145 12.70 2.46 3.08
CA ASP B 145 11.52 3.05 2.46
C ASP B 145 10.23 2.53 3.09
N LEU B 146 10.24 2.35 4.42
CA LEU B 146 9.10 1.70 5.07
C LEU B 146 7.82 2.54 4.94
N LEU B 147 7.91 3.87 5.02
CA LEU B 147 6.74 4.72 4.88
C LEU B 147 6.61 5.27 3.47
N GLN B 148 5.42 5.17 2.90
CA GLN B 148 5.15 5.79 1.61
C GLN B 148 4.72 7.23 1.83
N SER B 149 5.04 8.08 0.86
CA SER B 149 4.57 9.46 0.90
C SER B 149 3.07 9.45 1.14
N GLY B 150 2.60 10.42 1.91
CA GLY B 150 1.20 10.57 2.21
C GLY B 150 0.74 9.89 3.47
N THR B 151 1.62 9.16 4.15
CA THR B 151 1.27 8.53 5.42
C THR B 151 1.47 9.48 6.58
N VAL B 152 2.53 10.27 6.56
CA VAL B 152 2.74 11.33 7.54
C VAL B 152 2.38 12.64 6.87
N GLU B 153 1.37 13.31 7.40
CA GLU B 153 0.98 14.58 6.83
C GLU B 153 1.16 15.66 7.88
N ALA B 154 0.72 16.87 7.56
CA ALA B 154 1.07 18.03 8.38
C ALA B 154 0.43 17.93 9.76
N ASN B 155 -0.82 17.48 9.84
CA ASN B 155 -1.56 17.36 11.08
C ASN B 155 -1.72 15.91 11.53
N THR B 156 -0.93 14.98 10.97
CA THR B 156 -0.92 13.62 11.47
C THR B 156 -0.75 13.64 12.99
N ARG B 157 -1.61 12.92 13.69
CA ARG B 157 -1.50 12.91 15.13
C ARG B 157 -0.62 11.77 15.64
N LEU B 158 -0.88 10.56 15.16
CA LEU B 158 -0.16 9.39 15.63
C LEU B 158 -0.09 8.32 14.55
N ILE B 159 1.11 7.81 14.31
CA ILE B 159 1.28 6.68 13.41
C ILE B 159 2.30 5.72 14.04
N ALA B 160 2.11 4.43 13.74
CA ALA B 160 3.03 3.39 14.20
C ALA B 160 3.79 2.84 12.99
N VAL B 161 5.13 2.79 13.10
CA VAL B 161 5.98 2.06 12.18
C VAL B 161 6.54 0.81 12.87
N ASN B 162 6.73 -0.24 12.09
CA ASN B 162 6.80 -1.56 12.68
C ASN B 162 7.55 -2.54 11.78
N ALA B 163 8.66 -3.11 12.26
CA ALA B 163 9.39 -4.07 11.46
C ALA B 163 10.37 -4.85 12.32
N ILE B 164 10.58 -6.12 11.96
CA ILE B 164 11.61 -6.98 12.55
C ILE B 164 12.51 -7.50 11.44
N TYR B 165 13.81 -7.31 11.60
CA TYR B 165 14.80 -7.82 10.68
C TYR B 165 15.37 -9.12 11.22
N PHE B 166 15.47 -10.13 10.35
CA PHE B 166 15.90 -11.46 10.75
C PHE B 166 16.92 -11.97 9.74
N LYS B 167 18.07 -12.40 10.23
CA LYS B 167 19.17 -12.80 9.38
C LYS B 167 19.74 -14.07 9.96
N ALA B 168 19.87 -15.10 9.12
CA ALA B 168 20.37 -16.39 9.55
C ALA B 168 20.62 -17.30 8.36
N SER B 169 21.61 -18.17 8.52
CA SER B 169 21.90 -19.24 7.59
C SER B 169 21.09 -20.50 7.91
N TRP B 170 20.92 -21.34 6.90
CA TRP B 170 20.39 -22.65 7.14
C TRP B 170 21.35 -23.42 8.04
N ASP B 171 20.79 -24.36 8.81
CA ASP B 171 21.64 -25.38 9.39
C ASP B 171 22.36 -26.17 8.29
N GLU B 172 21.65 -26.46 7.20
CA GLU B 172 22.21 -27.16 6.05
C GLU B 172 21.99 -26.31 4.80
N VAL B 173 23.02 -25.55 4.40
CA VAL B 173 22.89 -24.66 3.24
C VAL B 173 22.87 -25.51 1.97
N PHE B 174 21.98 -25.14 1.03
CA PHE B 174 21.98 -25.78 -0.29
C PHE B 174 23.27 -25.43 -1.04
N ASP B 175 23.65 -26.28 -2.00
CA ASP B 175 24.81 -25.90 -2.81
C ASP B 175 24.42 -24.75 -3.75
N ALA B 177 25.89 -25.91 -7.75
CA ALA B 177 24.49 -25.74 -7.41
C ALA B 177 23.64 -26.86 -7.95
N HIS B 178 22.58 -27.16 -7.23
CA HIS B 178 21.42 -27.86 -7.75
C HIS B 178 20.30 -26.89 -7.98
N THR B 179 20.58 -25.60 -7.91
CA THR B 179 19.56 -24.63 -8.25
C THR B 179 19.38 -24.66 -9.76
N LYS B 180 18.17 -25.01 -10.20
CA LYS B 180 17.79 -25.13 -11.59
C LYS B 180 16.45 -24.44 -11.81
N PRO B 181 16.23 -23.84 -12.98
CA PRO B 181 14.88 -23.38 -13.33
C PRO B 181 13.93 -24.56 -13.47
N LYS B 182 12.77 -24.46 -12.83
CA LYS B 182 11.82 -25.56 -12.82
C LYS B 182 10.41 -25.00 -12.86
N LYS B 183 9.49 -25.80 -13.36
CA LYS B 183 8.12 -25.34 -13.57
C LYS B 183 7.36 -25.23 -12.24
N PHE B 184 6.77 -24.05 -12.00
CA PHE B 184 5.91 -23.83 -10.84
C PHE B 184 4.50 -23.61 -11.35
N TYR B 185 3.52 -24.25 -10.69
CA TYR B 185 2.14 -24.25 -11.18
C TYR B 185 1.27 -23.41 -10.26
N PRO B 186 1.13 -22.12 -10.53
CA PRO B 186 0.31 -21.27 -9.64
C PRO B 186 -1.15 -21.66 -9.66
N THR B 187 -1.68 -21.95 -10.84
CA THR B 187 -3.02 -22.50 -11.01
C THR B 187 -2.88 -23.85 -11.72
N PRO B 188 -3.94 -24.65 -11.82
CA PRO B 188 -3.83 -25.88 -12.62
C PRO B 188 -3.64 -25.60 -14.09
N HIS B 189 -4.21 -24.50 -14.60
CA HIS B 189 -4.07 -24.12 -16.01
C HIS B 189 -3.02 -23.01 -16.21
N SER B 190 -1.96 -23.00 -15.38
CA SER B 190 -0.91 -22.01 -15.55
C SER B 190 0.43 -22.61 -15.15
N SER B 191 1.50 -22.15 -15.79
CA SER B 191 2.83 -22.61 -15.45
C SER B 191 3.86 -21.56 -15.88
N ILE B 192 5.03 -21.63 -15.24
CA ILE B 192 6.15 -20.72 -15.45
C ILE B 192 7.35 -21.35 -14.75
N LYS B 193 8.54 -21.26 -15.36
CA LYS B 193 9.75 -21.80 -14.76
C LYS B 193 10.39 -20.79 -13.81
N ILE B 194 10.84 -21.29 -12.66
CA ILE B 194 11.37 -20.54 -11.51
C ILE B 194 12.60 -21.25 -10.96
N PRO B 195 13.66 -20.55 -10.55
CA PRO B 195 14.77 -21.25 -9.90
C PRO B 195 14.32 -21.93 -8.62
N MET B 196 14.81 -23.16 -8.42
CA MET B 196 14.42 -24.01 -7.29
C MET B 196 15.67 -24.67 -6.75
N MET B 197 15.87 -24.60 -5.45
CA MET B 197 16.98 -25.22 -4.77
C MET B 197 16.64 -26.65 -4.41
N THR B 198 17.59 -27.56 -4.60
CA THR B 198 17.42 -28.98 -4.26
C THR B 198 18.55 -29.45 -3.34
N GLN B 199 18.18 -30.14 -2.25
CA GLN B 199 19.15 -30.94 -1.51
C GLN B 199 18.42 -32.05 -0.74
N THR B 200 19.18 -33.09 -0.41
CA THR B 200 18.73 -34.19 0.43
C THR B 200 19.42 -34.09 1.80
N ASN B 201 18.63 -34.17 2.86
CA ASN B 201 19.26 -34.14 4.18
C ASN B 201 18.22 -34.59 5.18
N GLY B 202 18.64 -34.63 6.45
CA GLY B 202 17.71 -34.92 7.52
C GLY B 202 16.86 -33.70 7.84
N TYR B 203 15.56 -33.90 7.98
CA TYR B 203 14.66 -32.80 8.28
C TYR B 203 13.52 -33.27 9.17
N SER B 204 12.78 -32.28 9.66
CA SER B 204 11.51 -32.52 10.32
C SER B 204 10.45 -32.75 9.26
N TYR B 205 9.68 -33.81 9.42
CA TYR B 205 8.69 -34.20 8.42
C TYR B 205 7.42 -34.66 9.12
N TYR B 206 6.27 -34.37 8.50
CA TYR B 206 4.97 -34.92 8.85
C TYR B 206 4.13 -34.97 7.57
N GLU B 207 3.27 -35.98 7.46
CA GLU B 207 2.46 -36.15 6.25
C GLU B 207 1.07 -36.66 6.59
N THR B 208 0.05 -35.97 6.09
CA THR B 208 -1.29 -36.50 6.01
C THR B 208 -1.62 -36.90 4.57
N GLU B 209 -2.85 -37.35 4.37
CA GLU B 209 -3.30 -37.50 3.00
C GLU B 209 -3.53 -36.16 2.34
N ASP B 210 -3.58 -35.09 3.13
CA ASP B 210 -3.94 -33.80 2.57
C ASP B 210 -2.73 -32.92 2.24
N TYR B 211 -1.59 -33.18 2.86
CA TYR B 211 -0.46 -32.27 2.71
C TYR B 211 0.79 -32.92 3.26
N GLN B 212 1.91 -32.35 2.87
CA GLN B 212 3.19 -32.59 3.52
C GLN B 212 3.55 -31.34 4.30
N PHE B 213 4.17 -31.55 5.45
CA PHE B 213 4.67 -30.48 6.30
C PHE B 213 6.16 -30.72 6.46
N LEU B 214 6.95 -29.67 6.26
CA LEU B 214 8.41 -29.78 6.39
C LEU B 214 8.91 -28.71 7.35
N GLY B 215 9.90 -29.07 8.16
CA GLY B 215 10.62 -28.09 8.99
C GLY B 215 12.11 -28.03 8.68
N MET B 216 12.65 -26.84 8.53
CA MET B 216 14.04 -26.66 8.15
C MET B 216 14.74 -25.82 9.20
N ASP B 217 15.74 -26.39 9.85
CA ASP B 217 16.42 -25.71 10.96
C ASP B 217 17.32 -24.61 10.40
N TYR B 218 17.20 -23.41 10.97
CA TYR B 218 18.18 -22.36 10.71
C TYR B 218 19.37 -22.63 11.62
N TYR B 219 20.33 -21.71 11.64
CA TYR B 219 21.41 -21.76 12.62
C TYR B 219 21.42 -20.44 13.38
N PRO B 220 21.00 -20.40 14.66
CA PRO B 220 20.71 -21.47 15.64
C PRO B 220 19.43 -22.25 15.37
N GLU B 221 19.44 -23.53 15.76
CA GLU B 221 18.41 -24.48 15.35
C GLU B 221 17.06 -24.27 16.04
N TYR B 222 16.93 -23.34 16.99
CA TYR B 222 15.59 -23.14 17.50
C TYR B 222 14.74 -22.28 16.56
N LEU B 223 15.35 -21.72 15.51
CA LEU B 223 14.63 -20.99 14.49
C LEU B 223 14.45 -21.89 13.29
N LYS B 224 13.20 -22.21 12.95
CA LYS B 224 12.96 -23.12 11.86
C LYS B 224 11.98 -22.51 10.89
N MET B 225 12.17 -22.86 9.61
CA MET B 225 11.24 -22.57 8.54
C MET B 225 10.37 -23.80 8.33
N PHE B 226 9.06 -23.64 8.43
CA PHE B 226 8.09 -24.69 8.22
C PHE B 226 7.30 -24.40 6.95
N ILE B 227 7.13 -25.44 6.13
CA ILE B 227 6.43 -25.32 4.86
C ILE B 227 5.30 -26.34 4.84
N LEU B 228 4.11 -25.86 4.57
CA LEU B 228 2.94 -26.70 4.40
C LEU B 228 2.66 -26.74 2.92
N LEU B 229 2.69 -27.95 2.36
CA LEU B 229 2.62 -28.19 0.92
C LEU B 229 1.49 -29.17 0.63
N PRO B 230 0.41 -28.76 0.02
CA PRO B 230 -0.73 -29.66 -0.19
C PRO B 230 -0.36 -30.79 -1.13
N LYS B 231 -0.94 -31.96 -0.86
CA LYS B 231 -0.69 -33.18 -1.62
C LYS B 231 -1.77 -33.39 -2.66
N SER B 232 -1.50 -34.31 -3.58
CA SER B 232 -2.32 -34.53 -4.78
C SER B 232 -2.31 -33.22 -5.53
N GLY B 233 -3.43 -32.72 -6.02
CA GLY B 233 -3.41 -31.37 -6.53
C GLY B 233 -4.46 -30.50 -5.91
N LYS B 234 -4.72 -30.73 -4.63
CA LYS B 234 -5.48 -29.77 -3.84
C LYS B 234 -4.76 -28.42 -3.85
N THR B 235 -5.52 -27.34 -4.05
CA THR B 235 -4.86 -26.06 -3.87
C THR B 235 -4.83 -25.70 -2.39
N LEU B 236 -3.85 -24.87 -2.04
CA LEU B 236 -3.82 -24.25 -0.71
C LEU B 236 -5.22 -23.71 -0.41
N SER B 237 -5.65 -23.92 0.84
CA SER B 237 -7.06 -23.72 1.27
C SER B 237 -7.94 -24.86 0.78
N LYS B 242 -9.58 -23.46 6.50
CA LYS B 242 -9.65 -24.84 6.97
C LYS B 242 -8.65 -25.15 8.10
N PHE B 243 -7.89 -24.13 8.52
CA PHE B 243 -6.86 -24.31 9.55
C PHE B 243 -7.06 -23.41 10.77
N ASN B 244 -6.01 -23.19 11.54
CA ASN B 244 -6.08 -22.51 12.84
C ASN B 244 -4.69 -22.05 13.24
N GLY B 245 -4.56 -21.59 14.47
CA GLY B 245 -3.30 -21.60 15.18
C GLY B 245 -3.08 -22.98 15.76
N GLU B 246 -3.59 -24.01 15.08
CA GLU B 246 -3.17 -25.40 15.16
C GLU B 246 -2.00 -25.70 14.24
N THR B 247 -1.62 -24.71 13.43
CA THR B 247 -0.28 -24.61 12.92
C THR B 247 0.69 -25.05 14.01
N LEU B 248 0.45 -24.56 15.24
CA LEU B 248 1.29 -24.91 16.38
C LEU B 248 1.25 -26.40 16.69
N LEU B 249 0.09 -27.03 16.50
CA LEU B 249 0.03 -28.48 16.64
C LEU B 249 0.87 -29.17 15.57
N ASN B 250 1.01 -28.59 14.38
CA ASN B 250 1.80 -29.23 13.35
C ASN B 250 3.24 -29.43 13.82
N LEU B 251 3.83 -28.41 14.44
CA LEU B 251 5.24 -28.45 14.81
C LEU B 251 5.55 -29.47 15.90
N VAL B 252 4.55 -29.87 16.69
CA VAL B 252 4.78 -30.87 17.72
C VAL B 252 4.62 -32.29 17.17
N SER B 253 3.86 -32.47 16.08
CA SER B 253 3.60 -33.80 15.56
C SER B 253 4.73 -34.30 14.67
N LYS B 254 5.94 -33.82 14.90
CA LYS B 254 6.97 -33.80 13.86
C LYS B 254 8.01 -34.89 14.06
N VAL B 255 8.66 -35.31 12.97
CA VAL B 255 9.73 -36.30 13.08
C VAL B 255 10.84 -36.10 12.03
N ALA B 258 13.50 -37.66 10.11
CA ALA B 258 13.36 -38.30 8.79
C ALA B 258 14.27 -37.73 7.69
N GLU B 259 14.53 -38.51 6.64
CA GLU B 259 15.38 -38.08 5.54
C GLU B 259 14.52 -37.56 4.40
N VAL B 260 14.77 -36.31 3.96
CA VAL B 260 13.89 -35.67 3.00
C VAL B 260 14.71 -35.05 1.87
N LYS B 261 14.29 -35.32 0.64
CA LYS B 261 14.85 -34.69 -0.55
C LYS B 261 13.96 -33.48 -0.89
N VAL B 262 14.50 -32.29 -0.64
CA VAL B 262 13.75 -31.03 -0.59
C VAL B 262 14.11 -30.19 -1.82
N THR B 263 13.09 -29.83 -2.59
CA THR B 263 13.18 -28.88 -3.69
C THR B 263 12.20 -27.74 -3.41
N ILE B 264 12.74 -26.56 -3.09
CA ILE B 264 11.91 -25.38 -2.81
C ILE B 264 12.34 -24.23 -3.74
N PRO B 265 11.44 -23.34 -4.13
CA PRO B 265 11.86 -22.19 -4.97
C PRO B 265 12.82 -21.28 -4.21
N LYS B 266 13.65 -20.60 -4.98
CA LYS B 266 14.56 -19.59 -4.46
C LYS B 266 13.90 -18.23 -4.67
N MET B 267 13.64 -17.51 -3.57
CA MET B 267 12.67 -16.42 -3.55
C MET B 267 13.20 -15.22 -2.79
N LYS B 268 12.74 -14.04 -3.18
CA LYS B 268 13.01 -12.81 -2.46
C LYS B 268 11.68 -12.16 -2.11
N PHE B 269 11.47 -11.87 -0.81
CA PHE B 269 10.22 -11.35 -0.28
C PHE B 269 10.45 -9.96 0.28
N GLU B 270 9.64 -9.00 -0.14
CA GLU B 270 9.72 -7.65 0.40
C GLU B 270 8.34 -7.02 0.30
N LYS B 271 7.57 -7.16 1.38
CA LYS B 271 6.17 -6.75 1.41
C LYS B 271 6.03 -5.54 2.30
N GLN B 272 5.29 -4.55 1.83
CA GLN B 272 5.04 -3.31 2.54
C GLN B 272 3.53 -3.18 2.76
N MET B 273 3.11 -3.04 4.02
CA MET B 273 1.69 -3.13 4.35
C MET B 273 1.28 -1.98 5.24
N ASN B 274 0.24 -1.28 4.83
CA ASN B 274 -0.46 -0.33 5.68
C ASN B 274 -1.67 -1.06 6.27
N LEU B 275 -1.65 -1.27 7.59
CA LEU B 275 -2.37 -2.38 8.23
C LEU B 275 -3.80 -2.05 8.60
N VAL B 276 -4.26 -0.83 8.35
CA VAL B 276 -5.51 -0.37 8.93
C VAL B 276 -6.69 -1.21 8.44
N GLU B 277 -6.85 -1.33 7.13
CA GLU B 277 -8.00 -2.10 6.63
C GLU B 277 -8.02 -3.50 7.22
N ALA B 278 -6.90 -4.23 7.15
CA ALA B 278 -6.85 -5.57 7.71
C ALA B 278 -7.26 -5.58 9.18
N LEU B 279 -6.76 -4.62 9.97
CA LEU B 279 -7.04 -4.64 11.39
C LEU B 279 -8.49 -4.29 11.69
N LYS B 280 -9.07 -3.36 10.93
CA LYS B 280 -10.49 -3.06 11.10
C LYS B 280 -11.36 -4.24 10.70
N LYS B 281 -10.98 -4.97 9.64
CA LYS B 281 -11.72 -6.17 9.31
C LYS B 281 -11.68 -7.18 10.45
N LEU B 282 -10.70 -7.07 11.33
CA LEU B 282 -10.51 -7.98 12.45
C LEU B 282 -11.04 -7.45 13.76
N GLY B 283 -11.68 -6.26 13.76
CA GLY B 283 -12.35 -5.74 14.93
C GLY B 283 -11.66 -4.58 15.60
N ILE B 284 -10.40 -4.30 15.28
CA ILE B 284 -9.78 -3.13 15.89
C ILE B 284 -10.27 -1.92 15.12
N GLU B 285 -11.36 -1.35 15.59
CA GLU B 285 -11.98 -0.18 14.94
C GLU B 285 -11.53 1.11 15.61
N ASP B 286 -11.92 1.27 16.88
CA ASP B 286 -11.92 2.58 17.52
C ASP B 286 -10.56 3.27 17.44
N LEU B 287 -9.48 2.54 17.72
CA LEU B 287 -8.11 3.04 17.61
C LEU B 287 -7.92 3.96 16.40
N PHE B 288 -8.66 3.70 15.32
CA PHE B 288 -8.48 4.41 14.07
C PHE B 288 -9.51 5.51 13.83
N ILE B 289 -10.48 5.70 14.71
CA ILE B 289 -11.54 6.69 14.45
C ILE B 289 -11.27 7.91 15.27
N PRO B 290 -11.15 9.10 14.66
CA PRO B 290 -11.06 10.34 15.44
C PRO B 290 -12.29 10.48 16.34
N GLY B 291 -12.04 10.76 17.60
CA GLY B 291 -13.11 10.87 18.59
C GLY B 291 -13.48 9.59 19.32
N LYS B 292 -13.74 8.52 18.57
CA LYS B 292 -14.02 7.22 19.16
C LYS B 292 -12.80 6.63 19.86
N ALA B 293 -11.60 6.91 19.36
CA ALA B 293 -10.40 6.29 19.90
C ALA B 293 -10.20 6.72 21.33
N ASP B 294 -10.01 5.75 22.23
CA ASP B 294 -9.72 6.02 23.63
C ASP B 294 -8.24 5.68 23.85
N LEU B 295 -7.38 6.70 23.79
CA LEU B 295 -5.94 6.59 23.99
C LEU B 295 -5.46 7.46 25.16
N SER B 296 -6.24 7.48 26.24
CA SER B 296 -5.94 8.35 27.37
C SER B 296 -4.73 7.87 28.17
N GLY B 297 -4.28 6.63 27.96
CA GLY B 297 -3.01 6.22 28.53
C GLY B 297 -1.81 6.84 27.88
N ILE B 298 -2.02 7.58 26.77
CA ILE B 298 -0.95 8.26 26.03
C ILE B 298 -1.06 9.77 26.19
N CYS B 299 -2.20 10.33 25.84
CA CYS B 299 -2.46 11.76 25.87
C CYS B 299 -3.96 11.90 26.13
N VAL B 300 -4.30 12.87 26.95
CA VAL B 300 -5.58 12.84 27.64
C VAL B 300 -6.39 14.10 27.38
N LEU B 304 -6.01 12.14 20.56
CA LEU B 304 -5.10 11.24 19.84
C LEU B 304 -5.77 9.98 19.29
N TYR B 305 -5.57 9.70 18.00
CA TYR B 305 -5.99 8.45 17.39
C TYR B 305 -4.92 8.02 16.38
N VAL B 306 -4.88 6.73 16.06
CA VAL B 306 -3.87 6.21 15.14
C VAL B 306 -4.35 6.36 13.71
N SER B 307 -3.59 7.08 12.89
CA SER B 307 -3.98 7.22 11.48
C SER B 307 -3.46 6.09 10.59
N ASP B 308 -2.40 5.38 11.00
CA ASP B 308 -1.93 4.22 10.23
C ASP B 308 -0.96 3.41 11.09
N ILE B 309 -1.00 2.08 10.94
CA ILE B 309 0.03 1.16 11.40
C ILE B 309 0.69 0.57 10.16
N VAL B 310 1.99 0.82 9.99
CA VAL B 310 2.69 0.55 8.75
C VAL B 310 3.78 -0.47 9.02
N HIS B 311 3.74 -1.57 8.30
CA HIS B 311 4.64 -2.69 8.51
C HIS B 311 5.39 -2.97 7.23
N LYS B 312 6.68 -3.25 7.34
CA LYS B 312 7.38 -3.77 6.16
C LYS B 312 8.24 -4.96 6.58
N ALA B 313 8.24 -5.98 5.72
CA ALA B 313 8.90 -7.24 6.00
C ALA B 313 9.65 -7.70 4.75
N TYR B 314 10.90 -8.16 4.97
CA TYR B 314 11.76 -8.61 3.90
C TYR B 314 12.34 -9.95 4.30
N LEU B 315 12.44 -10.89 3.35
CA LEU B 315 13.12 -12.15 3.61
C LEU B 315 13.48 -12.83 2.30
N GLU B 316 14.52 -13.65 2.34
CA GLU B 316 14.93 -14.44 1.19
C GLU B 316 14.89 -15.94 1.51
N PHE B 317 14.44 -16.71 0.54
CA PHE B 317 14.75 -18.13 0.45
C PHE B 317 15.99 -18.21 -0.43
N ASN B 318 17.14 -18.41 0.21
CA ASN B 318 18.43 -18.44 -0.44
C ASN B 318 19.11 -19.78 -0.21
N GLU B 319 20.14 -20.06 -1.03
CA GLU B 319 21.00 -21.20 -0.77
C GLU B 319 21.57 -21.17 0.65
N GLU B 320 21.96 -19.99 1.11
CA GLU B 320 22.69 -19.87 2.37
C GLU B 320 21.80 -19.59 3.57
N GLY B 321 20.51 -19.39 3.37
CA GLY B 321 19.62 -19.09 4.47
C GLY B 321 18.72 -17.92 4.11
N THR B 322 18.39 -17.09 5.09
CA THR B 322 17.63 -15.86 4.84
C THR B 322 18.65 -14.83 4.40
N GLU B 323 18.80 -14.67 3.09
CA GLU B 323 19.91 -13.98 2.44
C GLU B 323 21.26 -14.61 2.78
N GLU B 345 11.55 -36.52 -0.46
CA GLU B 345 10.37 -36.54 -1.33
C GLU B 345 9.47 -35.27 -1.24
N PHE B 346 10.05 -34.07 -1.29
CA PHE B 346 9.28 -32.84 -1.02
C PHE B 346 9.66 -31.80 -2.05
N VAL B 347 8.81 -31.56 -3.06
CA VAL B 347 9.09 -30.50 -4.02
C VAL B 347 7.91 -29.55 -4.03
N ALA B 348 8.18 -28.28 -3.75
CA ALA B 348 7.11 -27.30 -3.62
C ALA B 348 6.99 -26.52 -4.93
N ASP B 349 6.47 -27.22 -5.94
CA ASP B 349 6.22 -26.63 -7.26
C ASP B 349 4.75 -26.27 -7.45
N HIS B 350 4.05 -26.01 -6.35
CA HIS B 350 2.74 -25.35 -6.34
C HIS B 350 2.70 -24.51 -5.06
N PRO B 351 1.70 -23.60 -4.97
CA PRO B 351 1.68 -22.66 -3.83
C PRO B 351 1.68 -23.36 -2.47
N PHE B 352 2.55 -22.88 -1.57
CA PHE B 352 2.65 -23.38 -0.21
C PHE B 352 2.50 -22.25 0.80
N LEU B 353 1.91 -22.59 1.95
CA LEU B 353 2.01 -21.77 3.14
C LEU B 353 3.32 -22.04 3.84
N PHE B 354 3.91 -21.00 4.42
CA PHE B 354 5.13 -21.20 5.18
C PHE B 354 5.15 -20.23 6.35
N PHE B 355 5.88 -20.61 7.39
CA PHE B 355 6.05 -19.70 8.50
C PHE B 355 7.36 -20.00 9.19
N ILE B 356 7.97 -18.94 9.75
CA ILE B 356 9.23 -19.04 10.46
C ILE B 356 8.93 -19.02 11.95
N PHE B 357 9.48 -20.01 12.64
CA PHE B 357 9.06 -20.36 13.99
C PHE B 357 10.25 -20.19 14.93
N ASP B 358 10.00 -19.58 16.07
CA ASP B 358 10.97 -19.53 17.16
C ASP B 358 10.56 -20.57 18.18
N SER B 359 11.30 -21.69 18.25
CA SER B 359 10.93 -22.82 19.11
C SER B 359 11.08 -22.51 20.59
N ARG B 360 11.79 -21.44 20.96
CA ARG B 360 11.90 -21.09 22.38
C ARG B 360 10.55 -20.73 22.95
N SER B 361 9.91 -19.70 22.37
CA SER B 361 8.64 -19.17 22.86
C SER B 361 7.45 -19.72 22.07
N LYS B 362 7.71 -20.59 21.11
CA LYS B 362 6.69 -21.11 20.20
C LYS B 362 6.00 -19.98 19.43
N ALA B 363 6.78 -18.97 19.00
CA ALA B 363 6.22 -17.75 18.41
C ALA B 363 6.37 -17.78 16.89
N ILE B 364 5.28 -17.44 16.18
CA ILE B 364 5.34 -17.30 14.73
C ILE B 364 5.96 -15.94 14.42
N LEU B 365 7.27 -15.95 14.12
CA LEU B 365 7.98 -14.75 13.73
C LEU B 365 7.46 -14.18 12.42
N PHE B 366 7.40 -15.01 11.38
CA PHE B 366 6.88 -14.65 10.08
C PHE B 366 5.93 -15.73 9.62
N ILE B 367 4.96 -15.35 8.79
CA ILE B 367 4.11 -16.30 8.07
C ILE B 367 4.01 -15.82 6.63
N GLY B 368 3.74 -16.75 5.72
CA GLY B 368 3.55 -16.29 4.36
C GLY B 368 3.02 -17.36 3.45
N ARG B 369 2.86 -16.97 2.19
CA ARG B 369 2.44 -17.88 1.14
C ARG B 369 3.27 -17.55 -0.09
N PHE B 370 3.76 -18.58 -0.78
CA PHE B 370 4.39 -18.37 -2.07
C PHE B 370 3.46 -18.87 -3.18
N SER B 371 3.01 -17.93 -4.03
CA SER B 371 2.15 -18.23 -5.17
C SER B 371 2.85 -18.07 -6.50
N GLY B 372 4.10 -17.57 -6.50
CA GLY B 372 4.71 -16.94 -7.65
C GLY B 372 4.38 -15.46 -7.62
N ASN B 373 5.41 -14.61 -7.46
CA ASN B 373 5.33 -13.16 -7.22
C ASN B 373 3.94 -12.48 -7.32
#